data_6HWJ
#
_entry.id   6HWJ
#
_cell.length_a   59.812
_cell.length_b   96.070
_cell.length_c   80.252
_cell.angle_alpha   90.00
_cell.angle_beta   106.69
_cell.angle_gamma   90.00
#
_symmetry.space_group_name_H-M   'P 1 21 1'
#
loop_
_entity.id
_entity.type
_entity.pdbx_description
1 polymer 'Glucosamine kinase'
2 non-polymer 'MAGNESIUM ION'
3 non-polymer 2-[BIS-(2-HYDROXY-ETHYL)-AMINO]-2-HYDROXYMETHYL-PROPANE-1,3-DIOL
4 non-polymer DI(HYDROXYETHYL)ETHER
5 non-polymer 'CHLORIDE ION'
6 water water
#
_entity_poly.entity_id   1
_entity_poly.type   'polypeptide(L)'
_entity_poly.pdbx_seq_one_letter_code
;MTPNWSELVAAADPALVLPSGERRAEVAVPGPLRLDALLDLGEGHAVGVVRSADAARWTVPLVRDGAGGVRRSRPGDGTA
EHLVAALARRGATPDAAFVLEAFTGAAPVTGERGIIVDQTNESVIVGECAVVKWAVRLPAEGEPGSPAAQRIAALARGGF
TEMPRPWGLLTLAEGAQPVLLASVVAYLPGALDGWDWAVDDVRRLARGELTMDQALLPAAQLGTLTARMHAALAARGRTP
ATAADVAAWGVRMREELDEAVASVPGAEGERLKAWAPRIADVYAELDALAGTPLIDVHGDFHVGQILRADGRYAVVDFDG
NPVLPADQRAARQPAALDVVGMTASLDHVGRVVVFRTPDVDPAPVRAWIAAAQRSFLDAYRTTLARLDADDLFDDRLLTP
LRYAQEVREYLYAVRHLPHWVYVPDLSLTDLLPERLKDKLAAALEHHHHHH
;
_entity_poly.pdbx_strand_id   A,B
#
loop_
_chem_comp.id
_chem_comp.type
_chem_comp.name
_chem_comp.formula
BTB non-polymer 2-[BIS-(2-HYDROXY-ETHYL)-AMINO]-2-HYDROXYMETHYL-PROPANE-1,3-DIOL 'C8 H19 N O5'
CL non-polymer 'CHLORIDE ION' 'Cl -1'
MG non-polymer 'MAGNESIUM ION' 'Mg 2'
PEG non-polymer DI(HYDROXYETHYL)ETHER 'C4 H10 O3'
#
# COMPACT_ATOMS: atom_id res chain seq x y z
N MET A 1 -36.73 28.95 -51.91
CA MET A 1 -36.84 28.36 -50.55
C MET A 1 -35.65 28.80 -49.69
N THR A 2 -35.87 28.83 -48.37
CA THR A 2 -34.77 29.19 -47.48
C THR A 2 -33.61 28.23 -47.68
N PRO A 3 -32.37 28.70 -47.69
CA PRO A 3 -31.24 27.79 -47.83
C PRO A 3 -31.25 26.76 -46.72
N ASN A 4 -30.58 25.65 -46.96
CA ASN A 4 -30.34 24.71 -45.88
C ASN A 4 -29.28 25.31 -44.94
N TRP A 5 -29.09 24.64 -43.81
CA TRP A 5 -28.11 25.12 -42.84
C TRP A 5 -26.72 25.22 -43.46
N SER A 6 -26.36 24.27 -44.34
CA SER A 6 -25.04 24.29 -44.96
C SER A 6 -24.81 25.56 -45.75
N GLU A 7 -25.80 25.96 -46.56
CA GLU A 7 -25.65 27.16 -47.37
C GLU A 7 -25.63 28.42 -46.50
N LEU A 8 -26.41 28.44 -45.42
CA LEU A 8 -26.37 29.59 -44.53
C LEU A 8 -24.99 29.73 -43.88
N VAL A 9 -24.41 28.61 -43.44
CA VAL A 9 -23.11 28.69 -42.76
C VAL A 9 -22.02 29.03 -43.76
N ALA A 10 -22.07 28.43 -44.96
CA ALA A 10 -21.07 28.76 -45.98
C ALA A 10 -21.13 30.22 -46.36
N ALA A 11 -22.31 30.85 -46.31
CA ALA A 11 -22.46 32.24 -46.71
C ALA A 11 -22.27 33.20 -45.54
N ALA A 12 -22.12 32.68 -44.32
CA ALA A 12 -22.06 33.55 -43.16
C ALA A 12 -20.65 34.10 -42.96
N ASP A 13 -20.58 35.23 -42.29
CA ASP A 13 -19.30 35.81 -41.92
C ASP A 13 -18.53 34.81 -41.06
N PRO A 14 -17.23 34.61 -41.33
CA PRO A 14 -16.48 33.60 -40.55
C PRO A 14 -16.47 33.85 -39.05
N ALA A 15 -16.73 35.08 -38.61
CA ALA A 15 -16.82 35.35 -37.17
C ALA A 15 -17.98 34.62 -36.50
N LEU A 16 -18.85 33.97 -37.29
CA LEU A 16 -19.92 33.17 -36.73
C LEU A 16 -19.43 32.23 -35.65
N VAL A 17 -18.24 31.64 -35.81
CA VAL A 17 -17.79 30.61 -34.89
C VAL A 17 -17.30 31.15 -33.56
N LEU A 18 -17.21 32.51 -33.39
CA LEU A 18 -16.58 33.07 -32.19
C LEU A 18 -17.60 33.47 -31.13
N PRO A 19 -17.46 33.02 -29.88
CA PRO A 19 -18.39 33.46 -28.84
C PRO A 19 -18.42 34.97 -28.64
N SER A 20 -17.26 35.61 -28.63
CA SER A 20 -17.17 37.04 -28.42
C SER A 20 -17.33 37.85 -29.70
N GLY A 21 -17.74 37.21 -30.81
CA GLY A 21 -18.04 37.92 -32.03
C GLY A 21 -16.81 38.25 -32.85
N GLU A 22 -17.07 38.97 -33.95
CA GLU A 22 -16.01 39.31 -34.89
C GLU A 22 -14.88 40.04 -34.19
N ARG A 23 -13.65 39.68 -34.53
CA ARG A 23 -12.47 40.34 -34.00
C ARG A 23 -11.89 41.26 -35.07
N ARG A 24 -10.74 41.86 -34.77
CA ARG A 24 -10.08 42.74 -35.72
C ARG A 24 -9.92 42.05 -37.07
N ALA A 25 -10.25 42.77 -38.14
CA ALA A 25 -10.21 42.19 -39.48
C ALA A 25 -8.83 41.65 -39.81
N GLU A 26 -7.77 42.25 -39.24
CA GLU A 26 -6.42 41.80 -39.54
C GLU A 26 -6.17 40.35 -39.13
N VAL A 27 -6.93 39.83 -38.16
CA VAL A 27 -6.73 38.46 -37.69
C VAL A 27 -8.06 37.71 -37.67
N ALA A 28 -8.89 37.94 -38.69
CA ALA A 28 -10.21 37.35 -38.72
C ALA A 28 -10.13 35.85 -38.97
N VAL A 29 -11.16 35.14 -38.52
CA VAL A 29 -11.29 33.72 -38.84
C VAL A 29 -11.33 33.56 -40.35
N PRO A 30 -10.49 32.71 -40.94
CA PRO A 30 -10.46 32.62 -42.40
C PRO A 30 -11.67 31.85 -42.93
N GLY A 31 -12.25 32.40 -43.99
CA GLY A 31 -13.41 31.79 -44.61
C GLY A 31 -13.05 31.20 -45.96
N PRO A 32 -14.04 30.59 -46.61
CA PRO A 32 -15.41 30.48 -46.12
C PRO A 32 -15.55 29.35 -45.11
N LEU A 33 -16.61 29.40 -44.29
CA LEU A 33 -16.91 28.35 -43.36
C LEU A 33 -17.56 27.16 -44.08
N ARG A 34 -17.44 25.99 -43.47
CA ARG A 34 -18.09 24.79 -43.98
C ARG A 34 -18.77 24.06 -42.82
N LEU A 35 -20.02 23.69 -43.01
CA LEU A 35 -20.78 22.97 -42.01
C LEU A 35 -20.50 21.48 -42.15
N ASP A 36 -19.90 20.88 -41.12
CA ASP A 36 -19.59 19.45 -41.14
C ASP A 36 -20.72 18.60 -40.57
N ALA A 37 -21.48 19.13 -39.62
CA ALA A 37 -22.55 18.36 -38.99
C ALA A 37 -23.49 19.35 -38.33
N LEU A 38 -24.76 18.96 -38.23
CA LEU A 38 -25.81 19.87 -37.78
C LEU A 38 -26.87 19.08 -37.03
N LEU A 39 -27.07 19.41 -35.76
CA LEU A 39 -28.15 18.88 -34.96
C LEU A 39 -29.27 19.92 -34.92
N ASP A 40 -30.40 19.60 -35.54
CA ASP A 40 -31.53 20.51 -35.62
C ASP A 40 -32.31 20.44 -34.31
N LEU A 41 -32.44 21.57 -33.61
CA LEU A 41 -33.15 21.60 -32.34
C LEU A 41 -34.56 22.16 -32.48
N GLY A 42 -35.00 22.49 -33.69
CA GLY A 42 -36.34 22.99 -33.92
C GLY A 42 -36.43 24.49 -33.79
N GLU A 43 -37.43 25.05 -34.48
CA GLU A 43 -37.81 26.46 -34.33
C GLU A 43 -36.66 27.41 -34.62
N GLY A 44 -35.81 27.04 -35.58
CA GLY A 44 -34.69 27.86 -35.98
C GLY A 44 -33.44 27.73 -35.16
N HIS A 45 -33.37 26.76 -34.25
CA HIS A 45 -32.22 26.54 -33.40
C HIS A 45 -31.46 25.30 -33.83
N ALA A 46 -30.14 25.34 -33.66
CA ALA A 46 -29.33 24.18 -34.02
C ALA A 46 -27.97 24.23 -33.33
N VAL A 47 -27.29 23.08 -33.36
CA VAL A 47 -25.89 22.97 -32.96
C VAL A 47 -25.11 22.56 -34.19
N GLY A 48 -24.16 23.39 -34.59
CA GLY A 48 -23.34 23.14 -35.76
C GLY A 48 -21.93 22.76 -35.33
N VAL A 49 -21.33 21.85 -36.08
CA VAL A 49 -19.90 21.60 -36.05
C VAL A 49 -19.35 22.22 -37.34
N VAL A 50 -18.61 23.30 -37.19
CA VAL A 50 -18.22 24.16 -38.30
C VAL A 50 -16.71 24.13 -38.44
N ARG A 51 -16.26 24.10 -39.67
CA ARG A 51 -14.83 24.17 -40.00
C ARG A 51 -14.54 25.52 -40.65
N SER A 52 -13.57 26.24 -40.09
CA SER A 52 -13.07 27.41 -40.78
C SER A 52 -12.04 26.97 -41.85
N ALA A 53 -11.68 27.90 -42.72
CA ALA A 53 -10.85 27.57 -43.88
C ALA A 53 -9.46 27.11 -43.50
N ASP A 54 -9.05 27.31 -42.25
CA ASP A 54 -7.77 26.82 -41.77
C ASP A 54 -7.88 25.43 -41.15
N ALA A 55 -8.98 24.73 -41.39
CA ALA A 55 -9.26 23.39 -40.89
C ALA A 55 -9.60 23.36 -39.40
N ALA A 56 -9.58 24.49 -38.71
CA ALA A 56 -10.01 24.51 -37.32
C ALA A 56 -11.51 24.21 -37.21
N ARG A 57 -11.87 23.39 -36.23
CA ARG A 57 -13.24 22.95 -36.03
C ARG A 57 -13.83 23.61 -34.80
N TRP A 58 -15.14 23.85 -34.84
CA TRP A 58 -15.81 24.64 -33.82
C TRP A 58 -17.20 24.08 -33.52
N THR A 59 -17.59 24.12 -32.26
CA THR A 59 -18.98 23.91 -31.87
C THR A 59 -19.66 25.27 -31.90
N VAL A 60 -20.76 25.37 -32.65
CA VAL A 60 -21.43 26.66 -32.76
C VAL A 60 -22.91 26.49 -32.48
N PRO A 61 -23.44 27.09 -31.40
CA PRO A 61 -24.89 27.17 -31.27
C PRO A 61 -25.43 28.18 -32.25
N LEU A 62 -26.40 27.76 -33.06
CA LEU A 62 -26.86 28.55 -34.17
C LEU A 62 -28.34 28.90 -34.03
N VAL A 63 -28.68 30.07 -34.53
CA VAL A 63 -30.07 30.51 -34.59
C VAL A 63 -30.29 31.22 -35.92
N ARG A 64 -31.36 30.86 -36.61
CA ARG A 64 -31.74 31.61 -37.80
C ARG A 64 -32.35 32.93 -37.38
N ASP A 65 -31.87 34.03 -37.96
CA ASP A 65 -32.37 35.37 -37.66
C ASP A 65 -32.61 36.04 -38.99
N GLY A 66 -33.83 36.58 -39.16
CA GLY A 66 -34.19 37.23 -40.40
C GLY A 66 -33.35 38.45 -40.71
N ALA A 67 -32.68 39.01 -39.70
CA ALA A 67 -31.79 40.14 -39.97
C ALA A 67 -30.60 39.71 -40.83
N GLY A 68 -29.85 38.71 -40.38
CA GLY A 68 -28.63 38.33 -41.06
C GLY A 68 -28.62 36.95 -41.69
N GLY A 69 -29.70 36.21 -41.55
CA GLY A 69 -29.77 34.86 -42.07
C GLY A 69 -29.53 33.82 -40.98
N VAL A 70 -28.29 33.75 -40.50
CA VAL A 70 -27.95 32.92 -39.36
C VAL A 70 -26.95 33.70 -38.51
N ARG A 71 -26.98 33.46 -37.22
CA ARG A 71 -25.96 34.01 -36.34
C ARG A 71 -25.74 33.06 -35.18
N ARG A 72 -24.67 33.30 -34.44
CA ARG A 72 -24.36 32.50 -33.27
C ARG A 72 -25.30 32.87 -32.14
N SER A 73 -25.91 31.84 -31.53
CA SER A 73 -26.85 32.07 -30.45
C SER A 73 -26.20 32.81 -29.29
N ARG A 74 -26.98 33.71 -28.68
CA ARG A 74 -26.63 34.44 -27.47
C ARG A 74 -27.59 34.05 -26.34
N PRO A 75 -27.17 34.16 -25.09
CA PRO A 75 -28.10 33.94 -23.98
C PRO A 75 -29.35 34.78 -24.16
N GLY A 76 -30.50 34.14 -24.02
CA GLY A 76 -31.78 34.77 -24.29
C GLY A 76 -32.35 34.46 -25.66
N ASP A 77 -31.54 33.93 -26.57
CA ASP A 77 -32.05 33.54 -27.87
C ASP A 77 -32.87 32.26 -27.76
N GLY A 78 -32.59 31.43 -26.75
CA GLY A 78 -33.33 30.20 -26.53
C GLY A 78 -32.68 28.93 -27.08
N THR A 79 -31.46 28.99 -27.55
CA THR A 79 -30.83 27.80 -28.11
C THR A 79 -30.39 26.82 -27.02
N ALA A 80 -29.87 27.35 -25.91
CA ALA A 80 -29.56 26.50 -24.76
C ALA A 80 -30.82 25.88 -24.20
N GLU A 81 -31.89 26.68 -24.13
CA GLU A 81 -33.20 26.18 -23.77
C GLU A 81 -33.63 25.05 -24.68
N HIS A 82 -33.42 25.19 -25.99
CA HIS A 82 -33.84 24.13 -26.91
C HIS A 82 -32.97 22.89 -26.81
N LEU A 83 -31.69 23.05 -26.45
CA LEU A 83 -30.87 21.87 -26.19
C LEU A 83 -31.41 21.11 -24.98
N VAL A 84 -31.75 21.83 -23.92
CA VAL A 84 -32.30 21.18 -22.74
C VAL A 84 -33.61 20.49 -23.07
N ALA A 85 -34.45 21.10 -23.90
CA ALA A 85 -35.72 20.48 -24.26
C ALA A 85 -35.49 19.20 -25.05
N ALA A 86 -34.49 19.20 -25.95
CA ALA A 86 -34.18 17.99 -26.70
C ALA A 86 -33.72 16.86 -25.79
N LEU A 87 -33.14 17.20 -24.63
CA LEU A 87 -32.76 16.16 -23.67
C LEU A 87 -33.99 15.53 -23.02
N ALA A 88 -34.86 16.37 -22.46
CA ALA A 88 -36.05 15.86 -21.79
C ALA A 88 -36.91 15.05 -22.75
N ARG A 89 -37.11 15.56 -23.97
CA ARG A 89 -37.90 14.85 -24.97
C ARG A 89 -37.12 13.67 -25.54
N ASP A 95 -29.72 12.95 -35.63
CA ASP A 95 -28.75 12.73 -36.70
C ASP A 95 -27.62 11.82 -36.24
N ALA A 96 -27.33 10.79 -37.04
CA ALA A 96 -26.41 9.73 -36.64
C ALA A 96 -25.02 10.26 -36.31
N ALA A 97 -24.69 11.49 -36.70
CA ALA A 97 -23.42 12.08 -36.33
C ALA A 97 -23.35 12.43 -34.84
N PHE A 98 -24.50 12.52 -34.17
CA PHE A 98 -24.56 13.02 -32.81
C PHE A 98 -25.07 11.95 -31.87
N VAL A 99 -24.65 12.03 -30.62
CA VAL A 99 -25.22 11.24 -29.53
C VAL A 99 -25.73 12.23 -28.48
N LEU A 100 -27.03 12.18 -28.22
CA LEU A 100 -27.68 12.97 -27.17
C LEU A 100 -28.00 12.01 -26.03
N GLU A 101 -27.34 12.16 -24.90
CA GLU A 101 -27.59 11.30 -23.75
C GLU A 101 -28.27 12.12 -22.66
N ALA A 102 -29.47 11.71 -22.28
CA ALA A 102 -30.22 12.35 -21.21
C ALA A 102 -30.14 11.52 -19.94
N PHE A 103 -30.15 12.18 -18.80
CA PHE A 103 -30.12 11.51 -17.51
C PHE A 103 -31.36 11.91 -16.71
N THR A 104 -31.67 11.09 -15.70
CA THR A 104 -32.83 11.35 -14.85
C THR A 104 -32.68 12.69 -14.17
N GLY A 105 -33.74 13.49 -14.21
CA GLY A 105 -33.71 14.84 -13.70
C GLY A 105 -33.70 15.93 -14.77
N ALA A 106 -33.27 15.61 -15.99
CA ALA A 106 -33.42 16.56 -17.08
C ALA A 106 -34.90 16.96 -17.19
N ALA A 107 -35.13 18.25 -17.34
CA ALA A 107 -36.49 18.78 -17.53
C ALA A 107 -36.43 19.94 -18.51
N PRO A 108 -37.49 20.13 -19.31
CA PRO A 108 -37.48 21.20 -20.33
C PRO A 108 -37.68 22.58 -19.71
N VAL A 109 -36.74 22.98 -18.84
CA VAL A 109 -36.84 24.31 -18.22
C VAL A 109 -36.50 25.40 -19.23
N THR A 110 -36.94 26.62 -18.92
CA THR A 110 -36.90 27.73 -19.86
C THR A 110 -36.33 28.96 -19.19
N GLY A 111 -35.89 29.91 -20.00
CA GLY A 111 -35.30 31.13 -19.49
C GLY A 111 -33.78 31.02 -19.45
N GLU A 112 -33.08 31.94 -20.09
CA GLU A 112 -31.64 31.85 -20.22
C GLU A 112 -30.96 33.06 -19.60
N ARG A 113 -29.81 32.82 -18.98
CA ARG A 113 -29.00 33.89 -18.42
C ARG A 113 -27.54 33.51 -18.59
N GLY A 114 -26.77 34.38 -19.24
CA GLY A 114 -25.36 34.11 -19.43
C GLY A 114 -24.54 34.40 -18.19
N ILE A 115 -23.45 33.64 -18.04
CA ILE A 115 -22.51 33.82 -16.93
C ILE A 115 -21.11 33.58 -17.46
N ILE A 116 -20.15 34.30 -16.90
CA ILE A 116 -18.77 34.27 -17.37
C ILE A 116 -18.00 33.24 -16.56
N VAL A 117 -17.46 32.23 -17.24
CA VAL A 117 -16.59 31.23 -16.63
C VAL A 117 -15.50 30.88 -17.64
N ASP A 118 -14.33 30.56 -17.12
CA ASP A 118 -13.19 30.16 -17.96
C ASP A 118 -12.79 31.31 -18.89
N GLU A 122 -18.35 28.59 -23.23
CA GLU A 122 -19.42 29.53 -22.87
C GLU A 122 -20.48 28.81 -22.07
N SER A 123 -20.94 29.44 -20.98
CA SER A 123 -21.91 28.83 -20.07
C SER A 123 -23.18 29.68 -19.99
N VAL A 124 -24.33 29.00 -20.04
CA VAL A 124 -25.65 29.62 -20.04
C VAL A 124 -26.49 28.93 -18.96
N ILE A 125 -27.01 29.71 -18.04
CA ILE A 125 -27.90 29.19 -17.00
C ILE A 125 -29.32 29.13 -17.57
N VAL A 126 -29.95 27.98 -17.45
CA VAL A 126 -31.30 27.78 -17.97
C VAL A 126 -32.23 27.44 -16.82
N GLY A 127 -33.40 28.07 -16.80
CA GLY A 127 -34.37 27.87 -15.74
C GLY A 127 -33.87 28.18 -14.35
N GLU A 128 -32.77 28.93 -14.24
CA GLU A 128 -32.11 29.18 -12.96
C GLU A 128 -31.86 27.90 -12.18
N CYS A 129 -31.75 26.77 -12.89
CA CYS A 129 -31.48 25.50 -12.22
C CYS A 129 -30.59 24.57 -13.01
N ALA A 130 -30.17 24.90 -14.22
CA ALA A 130 -29.26 24.08 -14.99
C ALA A 130 -28.24 24.98 -15.68
N VAL A 131 -27.10 24.39 -16.04
CA VAL A 131 -26.02 25.12 -16.71
C VAL A 131 -25.68 24.36 -17.99
N VAL A 132 -25.81 25.03 -19.12
CA VAL A 132 -25.40 24.50 -20.41
C VAL A 132 -24.02 25.09 -20.71
N LYS A 133 -23.07 24.22 -20.98
CA LYS A 133 -21.71 24.61 -21.30
C LYS A 133 -21.43 24.13 -22.71
N TRP A 134 -21.27 25.08 -23.63
CA TRP A 134 -20.89 24.78 -25.00
C TRP A 134 -19.39 24.61 -25.11
N ALA A 135 -18.96 23.51 -25.70
CA ALA A 135 -17.60 23.45 -26.22
C ALA A 135 -17.49 24.54 -27.28
N VAL A 136 -16.30 25.05 -27.46
CA VAL A 136 -16.08 26.06 -28.49
C VAL A 136 -15.13 25.48 -29.53
N ARG A 137 -13.84 25.47 -29.24
CA ARG A 137 -12.86 24.87 -30.13
C ARG A 137 -12.86 23.36 -29.93
N LEU A 138 -12.91 22.62 -31.02
CA LEU A 138 -12.88 21.17 -30.99
C LEU A 138 -11.53 20.66 -31.49
N PRO A 139 -11.15 19.43 -31.13
CA PRO A 139 -9.99 18.81 -31.77
C PRO A 139 -10.27 18.48 -33.24
N ALA A 140 -9.19 18.24 -33.97
CA ALA A 140 -9.32 17.73 -35.33
C ALA A 140 -10.09 16.41 -35.33
N GLU A 141 -10.66 16.08 -36.48
CA GLU A 141 -11.51 14.88 -36.56
C GLU A 141 -10.69 13.64 -36.23
N GLY A 142 -11.24 12.79 -35.37
CA GLY A 142 -10.57 11.60 -34.93
C GLY A 142 -9.51 11.77 -33.88
N GLU A 143 -9.19 13.01 -33.48
CA GLU A 143 -8.16 13.20 -32.48
C GLU A 143 -8.77 13.47 -31.11
N PRO A 144 -8.15 13.00 -30.03
CA PRO A 144 -8.77 13.15 -28.71
C PRO A 144 -8.85 14.60 -28.28
N GLY A 145 -9.96 14.92 -27.61
CA GLY A 145 -10.11 16.19 -26.94
C GLY A 145 -10.48 15.99 -25.48
N SER A 146 -11.27 16.88 -24.93
CA SER A 146 -11.67 16.78 -23.55
C SER A 146 -12.39 15.47 -23.28
N PRO A 147 -12.05 14.74 -22.22
CA PRO A 147 -12.83 13.55 -21.87
C PRO A 147 -14.02 13.82 -20.95
N ALA A 148 -14.37 15.07 -20.72
CA ALA A 148 -15.37 15.38 -19.69
C ALA A 148 -16.68 14.61 -19.91
N ALA A 149 -17.08 14.41 -21.17
CA ALA A 149 -18.31 13.67 -21.42
C ALA A 149 -18.20 12.21 -20.99
N GLN A 150 -17.04 11.60 -21.23
CA GLN A 150 -16.86 10.21 -20.83
C GLN A 150 -16.75 10.09 -19.31
N ARG A 151 -16.12 11.07 -18.66
CA ARG A 151 -16.02 11.04 -17.21
C ARG A 151 -17.39 11.20 -16.55
N ILE A 152 -18.15 12.22 -16.97
CA ILE A 152 -19.44 12.49 -16.35
C ILE A 152 -20.38 11.32 -16.56
N ALA A 153 -20.45 10.81 -17.80
CA ALA A 153 -21.33 9.66 -18.07
C ALA A 153 -20.93 8.43 -17.25
N ALA A 154 -19.63 8.14 -17.16
CA ALA A 154 -19.20 7.00 -16.38
C ALA A 154 -19.60 7.15 -14.92
N LEU A 155 -19.43 8.35 -14.37
CA LEU A 155 -19.80 8.59 -12.98
C LEU A 155 -21.31 8.41 -12.77
N ALA A 156 -22.13 9.03 -13.61
CA ALA A 156 -23.57 8.87 -13.49
C ALA A 156 -23.98 7.41 -13.59
N ARG A 157 -23.46 6.70 -14.59
CA ARG A 157 -23.78 5.28 -14.74
C ARG A 157 -23.34 4.46 -13.53
N GLY A 158 -22.28 4.89 -12.86
CA GLY A 158 -21.79 4.19 -11.70
C GLY A 158 -22.44 4.56 -10.39
N GLY A 159 -23.48 5.39 -10.42
CA GLY A 159 -24.16 5.79 -9.21
C GLY A 159 -23.47 6.87 -8.41
N PHE A 160 -22.36 7.42 -8.91
CA PHE A 160 -21.70 8.53 -8.23
C PHE A 160 -22.57 9.80 -8.30
N THR A 161 -22.83 10.41 -7.15
CA THR A 161 -23.69 11.59 -7.09
C THR A 161 -23.02 12.82 -6.50
N GLU A 162 -21.75 12.73 -6.10
CA GLU A 162 -21.09 13.90 -5.49
C GLU A 162 -20.47 14.78 -6.58
N MET A 163 -21.38 15.27 -7.43
CA MET A 163 -21.08 16.17 -8.53
C MET A 163 -22.40 16.86 -8.90
N PRO A 164 -22.36 18.02 -9.56
CA PRO A 164 -23.60 18.62 -10.06
C PRO A 164 -24.36 17.56 -10.86
N ARG A 165 -25.63 17.35 -10.53
CA ARG A 165 -26.37 16.29 -11.17
C ARG A 165 -26.31 16.48 -12.69
N PRO A 166 -25.92 15.46 -13.44
CA PRO A 166 -25.95 15.57 -14.91
C PRO A 166 -27.37 15.49 -15.43
N TRP A 167 -27.70 16.40 -16.34
CA TRP A 167 -28.94 16.39 -17.09
C TRP A 167 -28.77 15.78 -18.47
N GLY A 168 -27.68 16.12 -19.16
CA GLY A 168 -27.46 15.54 -20.47
C GLY A 168 -26.09 15.88 -21.00
N LEU A 169 -25.71 15.13 -22.04
CA LEU A 169 -24.49 15.33 -22.77
C LEU A 169 -24.77 15.26 -24.26
N LEU A 170 -24.17 16.17 -25.02
CA LEU A 170 -24.21 16.13 -26.47
C LEU A 170 -22.80 15.86 -26.98
N THR A 171 -22.63 14.77 -27.72
CA THR A 171 -21.34 14.40 -28.26
C THR A 171 -21.45 14.10 -29.75
N LEU A 172 -20.32 14.20 -30.42
CA LEU A 172 -20.17 13.87 -31.82
C LEU A 172 -19.53 12.50 -31.90
N ALA A 173 -20.19 11.58 -32.60
CA ALA A 173 -19.76 10.18 -32.63
C ALA A 173 -18.60 10.06 -33.62
N GLU A 174 -17.39 10.07 -33.10
CA GLU A 174 -16.19 9.94 -33.93
C GLU A 174 -14.99 9.70 -33.02
N GLY A 175 -13.92 9.20 -33.60
CA GLY A 175 -12.69 9.00 -32.87
C GLY A 175 -12.80 7.89 -31.83
N ALA A 176 -11.75 7.81 -31.01
CA ALA A 176 -11.76 6.84 -29.92
C ALA A 176 -12.84 7.17 -28.91
N GLN A 177 -12.96 8.43 -28.55
CA GLN A 177 -13.97 8.92 -27.61
C GLN A 177 -14.92 9.88 -28.30
N PRO A 178 -16.22 9.77 -28.05
CA PRO A 178 -17.13 10.81 -28.54
C PRO A 178 -16.64 12.20 -28.13
N VAL A 179 -16.73 13.13 -29.06
CA VAL A 179 -16.23 14.48 -28.88
C VAL A 179 -17.32 15.30 -28.20
N LEU A 180 -16.96 15.94 -27.09
CA LEU A 180 -17.91 16.74 -26.32
C LEU A 180 -18.26 18.02 -27.06
N LEU A 181 -19.55 18.26 -27.22
CA LEU A 181 -20.04 19.49 -27.81
C LEU A 181 -20.78 20.36 -26.81
N ALA A 182 -21.48 19.74 -25.85
CA ALA A 182 -22.22 20.46 -24.82
C ALA A 182 -22.53 19.54 -23.66
N SER A 183 -22.48 20.09 -22.45
CA SER A 183 -22.91 19.41 -21.24
C SER A 183 -23.98 20.25 -20.56
N VAL A 184 -24.89 19.55 -19.88
CA VAL A 184 -25.94 20.18 -19.08
C VAL A 184 -25.92 19.51 -17.72
N VAL A 185 -25.67 20.31 -16.67
CA VAL A 185 -25.61 19.82 -15.31
C VAL A 185 -26.38 20.78 -14.41
N ALA A 186 -26.65 20.32 -13.19
CA ALA A 186 -27.38 21.11 -12.24
C ALA A 186 -26.60 22.37 -11.88
N TYR A 187 -27.32 23.46 -11.69
CA TYR A 187 -26.77 24.73 -11.24
C TYR A 187 -26.77 24.75 -9.71
N LEU A 188 -25.65 25.13 -9.12
CA LEU A 188 -25.46 25.16 -7.67
C LEU A 188 -25.13 26.59 -7.25
N PRO A 189 -26.13 27.47 -7.16
CA PRO A 189 -25.82 28.90 -6.98
C PRO A 189 -25.12 29.22 -5.67
N GLY A 190 -25.43 28.52 -4.60
CA GLY A 190 -24.83 28.83 -3.31
C GLY A 190 -23.66 27.95 -2.94
N ALA A 191 -22.74 27.73 -3.89
CA ALA A 191 -21.66 26.77 -3.71
C ALA A 191 -20.31 27.44 -3.93
N LEU A 192 -19.40 27.24 -2.97
CA LEU A 192 -18.04 27.74 -3.06
C LEU A 192 -17.09 26.58 -3.30
N ASP A 193 -15.92 26.90 -3.84
CA ASP A 193 -14.91 25.85 -4.06
C ASP A 193 -13.96 25.81 -2.87
N GLY A 194 -13.15 24.75 -2.83
CA GLY A 194 -12.35 24.44 -1.66
C GLY A 194 -11.33 25.50 -1.32
N TRP A 195 -10.86 26.25 -2.31
CA TRP A 195 -9.93 27.34 -1.97
C TRP A 195 -10.62 28.43 -1.16
N ASP A 196 -11.95 28.40 -1.09
CA ASP A 196 -12.69 29.19 -0.12
C ASP A 196 -12.99 28.38 1.15
N TRP A 197 -13.72 27.25 1.02
CA TRP A 197 -14.26 26.60 2.20
C TRP A 197 -13.22 25.83 2.99
N ALA A 198 -12.21 25.25 2.33
CA ALA A 198 -11.19 24.52 3.07
C ALA A 198 -10.29 25.48 3.83
N VAL A 199 -9.91 26.60 3.20
CA VAL A 199 -9.13 27.62 3.89
C VAL A 199 -9.92 28.15 5.09
N ASP A 200 -11.22 28.34 4.93
CA ASP A 200 -12.02 28.83 6.04
C ASP A 200 -12.08 27.81 7.19
N ASP A 201 -12.29 26.54 6.87
CA ASP A 201 -12.28 25.50 7.91
C ASP A 201 -11.01 25.55 8.75
N VAL A 202 -9.84 25.53 8.08
CA VAL A 202 -8.58 25.44 8.80
C VAL A 202 -8.28 26.72 9.56
N ARG A 203 -8.70 27.87 9.01
CA ARG A 203 -8.60 29.12 9.74
C ARG A 203 -9.43 29.07 11.01
N ARG A 204 -10.64 28.52 10.92
CA ARG A 204 -11.48 28.42 12.11
C ARG A 204 -10.86 27.48 13.13
N LEU A 205 -10.29 26.36 12.68
CA LEU A 205 -9.51 25.51 13.56
C LEU A 205 -8.42 26.32 14.27
N ALA A 206 -7.64 27.09 13.50
CA ALA A 206 -6.55 27.85 14.11
C ALA A 206 -7.06 28.82 15.16
N ARG A 207 -8.25 29.38 14.94
CA ARG A 207 -8.85 30.28 15.92
C ARG A 207 -9.52 29.55 17.07
N GLY A 208 -9.59 28.21 17.03
CA GLY A 208 -10.30 27.47 18.06
C GLY A 208 -11.81 27.45 17.93
N GLU A 209 -12.35 27.88 16.79
CA GLU A 209 -13.79 27.81 16.56
C GLU A 209 -14.23 26.43 16.08
N LEU A 210 -13.30 25.60 15.63
CA LEU A 210 -13.55 24.20 15.35
C LEU A 210 -12.53 23.35 16.09
N THR A 211 -12.93 22.16 16.48
CA THR A 211 -12.00 21.19 17.02
C THR A 211 -11.23 20.52 15.88
N MET A 212 -10.12 19.87 16.24
CA MET A 212 -9.38 19.09 15.26
C MET A 212 -10.28 18.08 14.58
N ASP A 213 -11.11 17.36 15.36
CA ASP A 213 -12.01 16.38 14.78
C ASP A 213 -12.90 17.01 13.71
N GLN A 214 -13.48 18.17 14.03
CA GLN A 214 -14.37 18.83 13.10
C GLN A 214 -13.63 19.29 11.87
N ALA A 215 -12.42 19.81 12.06
CA ALA A 215 -11.64 20.29 10.91
C ALA A 215 -11.08 19.15 10.07
N LEU A 216 -10.98 17.95 10.63
CA LEU A 216 -10.48 16.81 9.87
C LEU A 216 -11.59 16.12 9.06
N LEU A 217 -12.84 16.28 9.43
CA LEU A 217 -13.90 15.54 8.75
C LEU A 217 -13.90 15.78 7.25
N PRO A 218 -13.78 17.02 6.74
CA PRO A 218 -13.78 17.20 5.28
C PRO A 218 -12.68 16.40 4.58
N ALA A 219 -11.52 16.26 5.20
CA ALA A 219 -10.46 15.48 4.56
C ALA A 219 -10.90 14.03 4.40
N ALA A 220 -11.60 13.49 5.39
CA ALA A 220 -12.12 12.13 5.28
C ALA A 220 -13.23 12.05 4.26
N GLN A 221 -14.11 13.05 4.22
CA GLN A 221 -15.17 13.03 3.21
C GLN A 221 -14.60 13.14 1.81
N LEU A 222 -13.53 13.93 1.63
CA LEU A 222 -12.86 14.01 0.34
C LEU A 222 -12.26 12.67 -0.05
N GLY A 223 -11.69 11.95 0.91
CA GLY A 223 -11.15 10.64 0.61
C GLY A 223 -12.22 9.66 0.17
N THR A 224 -13.36 9.67 0.86
CA THR A 224 -14.48 8.83 0.44
C THR A 224 -14.98 9.21 -0.94
N LEU A 225 -15.07 10.51 -1.22
CA LEU A 225 -15.54 10.97 -2.53
C LEU A 225 -14.61 10.50 -3.64
N THR A 226 -13.30 10.67 -3.44
CA THR A 226 -12.31 10.26 -4.43
C THR A 226 -12.38 8.75 -4.70
N ALA A 227 -12.62 7.95 -3.66
CA ALA A 227 -12.71 6.50 -3.83
C ALA A 227 -13.99 6.12 -4.58
N ARG A 228 -15.11 6.76 -4.26
CA ARG A 228 -16.35 6.53 -4.99
C ARG A 228 -16.17 6.93 -6.46
N MET A 229 -15.53 8.08 -6.69
CA MET A 229 -15.26 8.55 -8.04
C MET A 229 -14.41 7.53 -8.81
N HIS A 230 -13.30 7.08 -8.22
CA HIS A 230 -12.43 6.14 -8.93
C HIS A 230 -13.11 4.80 -9.17
N ALA A 231 -13.87 4.31 -8.20
CA ALA A 231 -14.56 3.03 -8.39
C ALA A 231 -15.51 3.09 -9.57
N ALA A 232 -16.20 4.21 -9.75
CA ALA A 232 -17.10 4.35 -10.87
C ALA A 232 -16.34 4.49 -12.18
N LEU A 233 -15.29 5.30 -12.21
CA LEU A 233 -14.51 5.48 -13.43
C LEU A 233 -13.84 4.17 -13.82
N ALA A 234 -13.38 3.40 -12.85
CA ALA A 234 -12.66 2.17 -13.14
C ALA A 234 -13.56 1.13 -13.77
N ALA A 235 -14.88 1.28 -13.67
CA ALA A 235 -15.79 0.35 -14.32
C ALA A 235 -15.68 0.36 -15.83
N ARG A 236 -15.15 1.43 -16.42
CA ARG A 236 -14.89 1.46 -17.85
C ARG A 236 -13.65 0.65 -18.22
N GLY A 237 -12.92 0.15 -17.25
CA GLY A 237 -11.78 -0.71 -17.48
C GLY A 237 -10.49 -0.07 -17.02
N ARG A 238 -9.40 -0.81 -17.24
CA ARG A 238 -8.09 -0.35 -16.82
C ARG A 238 -7.07 -0.81 -17.85
N THR A 239 -5.91 -0.17 -17.82
CA THR A 239 -4.81 -0.49 -18.75
C THR A 239 -3.52 -0.58 -17.96
N PRO A 240 -2.78 -1.68 -18.04
CA PRO A 240 -1.48 -1.75 -17.34
C PRO A 240 -0.48 -0.77 -17.96
N ALA A 241 0.16 0.04 -17.12
CA ALA A 241 1.26 0.86 -17.57
C ALA A 241 2.38 -0.02 -18.13
N THR A 242 2.99 0.45 -19.22
CA THR A 242 4.08 -0.26 -19.84
C THR A 242 5.41 0.24 -19.30
N ALA A 243 6.48 -0.52 -19.60
CA ALA A 243 7.82 -0.05 -19.28
C ALA A 243 8.07 1.32 -19.90
N ALA A 244 7.66 1.50 -21.16
CA ALA A 244 7.84 2.80 -21.81
C ALA A 244 7.08 3.89 -21.10
N ASP A 245 5.87 3.58 -20.61
CA ASP A 245 5.08 4.57 -19.88
C ASP A 245 5.84 5.08 -18.66
N VAL A 246 6.27 4.16 -17.77
CA VAL A 246 6.89 4.60 -16.52
C VAL A 246 8.21 5.27 -16.81
N ALA A 247 8.94 4.79 -17.82
CA ALA A 247 10.18 5.45 -18.22
C ALA A 247 9.91 6.88 -18.70
N ALA A 248 8.85 7.07 -19.50
CA ALA A 248 8.47 8.42 -19.90
C ALA A 248 8.12 9.29 -18.70
N TRP A 249 7.42 8.73 -17.71
CA TRP A 249 7.09 9.53 -16.52
C TRP A 249 8.36 10.09 -15.88
N GLY A 250 9.37 9.24 -15.73
CA GLY A 250 10.61 9.68 -15.08
C GLY A 250 11.34 10.76 -15.86
N VAL A 251 11.37 10.63 -17.18
CA VAL A 251 11.99 11.67 -18.00
C VAL A 251 11.27 12.99 -17.81
N ARG A 252 9.94 12.97 -17.91
CA ARG A 252 9.16 14.20 -17.73
C ARG A 252 9.39 14.79 -16.35
N MET A 253 9.36 13.95 -15.32
CA MET A 253 9.48 14.45 -13.95
C MET A 253 10.87 14.99 -13.69
N ARG A 254 11.91 14.34 -14.24
CA ARG A 254 13.26 14.85 -14.07
C ARG A 254 13.46 16.16 -14.82
N GLU A 255 12.88 16.29 -16.01
CA GLU A 255 12.98 17.55 -16.75
C GLU A 255 12.33 18.70 -15.96
N GLU A 256 11.14 18.46 -15.41
CA GLU A 256 10.49 19.50 -14.61
C GLU A 256 11.33 19.83 -13.37
N LEU A 257 11.89 18.81 -12.73
CA LEU A 257 12.78 19.06 -11.60
C LEU A 257 13.97 19.92 -12.03
N ASP A 258 14.61 19.57 -13.16
CA ASP A 258 15.74 20.36 -13.63
C ASP A 258 15.33 21.81 -13.88
N GLU A 259 14.16 22.02 -14.49
CA GLU A 259 13.71 23.39 -14.74
C GLU A 259 13.50 24.15 -13.43
N ALA A 260 12.85 23.52 -12.45
CA ALA A 260 12.64 24.17 -11.17
C ALA A 260 13.97 24.51 -10.50
N VAL A 261 14.91 23.56 -10.51
CA VAL A 261 16.23 23.81 -9.93
C VAL A 261 16.92 24.99 -10.59
N ALA A 262 16.70 25.16 -11.91
CA ALA A 262 17.38 26.22 -12.66
C ALA A 262 16.67 27.56 -12.56
N SER A 263 15.45 27.62 -12.01
CA SER A 263 14.65 28.83 -12.04
C SER A 263 14.25 29.35 -10.66
N VAL A 264 14.28 28.53 -9.62
CA VAL A 264 13.81 28.96 -8.30
C VAL A 264 14.92 29.77 -7.64
N PRO A 265 14.67 31.03 -7.27
CA PRO A 265 15.73 31.85 -6.71
C PRO A 265 15.80 31.76 -5.19
N GLY A 266 16.84 32.37 -4.63
CA GLY A 266 16.89 32.59 -3.21
C GLY A 266 17.06 31.33 -2.37
N ALA A 267 16.70 31.46 -1.09
CA ALA A 267 16.89 30.36 -0.15
C ALA A 267 16.10 29.13 -0.57
N GLU A 268 14.84 29.31 -1.00
CA GLU A 268 14.06 28.20 -1.52
C GLU A 268 14.81 27.48 -2.63
N GLY A 269 15.47 28.24 -3.51
CA GLY A 269 16.22 27.62 -4.59
C GLY A 269 17.41 26.81 -4.10
N GLU A 270 18.09 27.31 -3.07
CA GLU A 270 19.22 26.57 -2.52
C GLU A 270 18.77 25.27 -1.89
N ARG A 271 17.67 25.28 -1.14
CA ARG A 271 17.17 24.05 -0.53
C ARG A 271 16.69 23.06 -1.58
N LEU A 272 15.95 23.54 -2.59
CA LEU A 272 15.55 22.64 -3.67
C LEU A 272 16.76 22.03 -4.35
N LYS A 273 17.77 22.86 -4.64
CA LYS A 273 18.99 22.32 -5.28
C LYS A 273 19.62 21.25 -4.42
N ALA A 274 19.55 21.40 -3.09
CA ALA A 274 20.08 20.37 -2.20
C ALA A 274 19.17 19.15 -2.13
N TRP A 275 17.87 19.32 -2.35
CA TRP A 275 16.94 18.20 -2.31
C TRP A 275 16.87 17.43 -3.62
N ALA A 276 17.25 18.05 -4.73
CA ALA A 276 17.05 17.44 -6.03
C ALA A 276 17.65 16.04 -6.14
N PRO A 277 18.85 15.77 -5.64
CA PRO A 277 19.38 14.39 -5.72
C PRO A 277 18.46 13.36 -5.09
N ARG A 278 17.89 13.65 -3.92
CA ARG A 278 16.98 12.69 -3.29
C ARG A 278 15.68 12.56 -4.07
N ILE A 279 15.16 13.68 -4.60
CA ILE A 279 13.94 13.60 -5.41
C ILE A 279 14.20 12.73 -6.63
N ALA A 280 15.30 13.00 -7.34
CA ALA A 280 15.67 12.19 -8.49
C ALA A 280 15.85 10.73 -8.12
N ASP A 281 16.44 10.46 -6.94
CA ASP A 281 16.56 9.09 -6.49
C ASP A 281 15.20 8.40 -6.43
N VAL A 282 14.18 9.11 -5.93
CA VAL A 282 12.85 8.52 -5.82
C VAL A 282 12.23 8.33 -7.20
N TYR A 283 12.44 9.29 -8.11
CA TYR A 283 11.91 9.12 -9.46
C TYR A 283 12.49 7.87 -10.12
N ALA A 284 13.70 7.48 -9.72
CA ALA A 284 14.38 6.36 -10.38
C ALA A 284 13.64 5.05 -10.16
N GLU A 285 12.95 4.91 -9.03
CA GLU A 285 12.25 3.67 -8.73
C GLU A 285 10.98 3.48 -9.54
N LEU A 286 10.60 4.46 -10.36
CA LEU A 286 9.44 4.29 -11.23
C LEU A 286 9.61 3.15 -12.21
N ASP A 287 10.85 2.83 -12.58
CA ASP A 287 11.07 1.77 -13.56
C ASP A 287 10.53 0.43 -13.09
N ALA A 288 10.45 0.23 -11.77
CA ALA A 288 9.94 -1.03 -11.23
C ALA A 288 8.42 -1.06 -11.12
N LEU A 289 7.74 -0.01 -11.54
CA LEU A 289 6.29 0.08 -11.40
C LEU A 289 5.55 -0.23 -12.70
N ALA A 290 6.23 -0.83 -13.68
CA ALA A 290 5.55 -1.29 -14.87
C ALA A 290 4.46 -2.28 -14.50
N GLY A 291 3.30 -2.16 -15.14
CA GLY A 291 2.15 -2.97 -14.83
C GLY A 291 1.15 -2.32 -13.90
N THR A 292 1.49 -1.19 -13.29
CA THR A 292 0.56 -0.53 -12.38
C THR A 292 -0.68 -0.09 -13.15
N PRO A 293 -1.87 -0.19 -12.56
CA PRO A 293 -3.10 0.02 -13.33
C PRO A 293 -3.36 1.48 -13.64
N LEU A 294 -3.68 1.76 -14.90
CA LEU A 294 -4.15 3.08 -15.31
C LEU A 294 -5.66 3.01 -15.58
N ILE A 295 -6.38 4.04 -15.12
CA ILE A 295 -7.83 4.13 -15.28
C ILE A 295 -8.17 5.54 -15.77
N ASP A 296 -9.42 5.72 -16.18
CA ASP A 296 -9.97 7.06 -16.36
C ASP A 296 -9.90 7.80 -15.02
N VAL A 297 -9.26 8.97 -15.00
CA VAL A 297 -9.09 9.72 -13.78
C VAL A 297 -9.69 11.12 -13.97
N HIS A 298 -9.77 11.86 -12.85
CA HIS A 298 -10.12 13.28 -12.93
C HIS A 298 -9.02 14.06 -13.65
N GLY A 299 -7.79 13.92 -13.18
CA GLY A 299 -6.62 14.41 -13.91
C GLY A 299 -6.20 15.83 -13.58
N ASP A 300 -6.99 16.55 -12.82
CA ASP A 300 -6.62 17.91 -12.40
C ASP A 300 -7.26 18.14 -11.04
N PHE A 301 -6.99 17.24 -10.11
CA PHE A 301 -7.79 17.04 -8.90
C PHE A 301 -7.14 17.78 -7.75
N HIS A 302 -7.90 18.69 -7.14
CA HIS A 302 -7.42 19.48 -6.01
C HIS A 302 -8.65 20.13 -5.38
N VAL A 303 -8.44 20.81 -4.25
CA VAL A 303 -9.59 21.29 -3.47
C VAL A 303 -10.37 22.33 -4.24
N GLY A 304 -9.72 23.03 -5.17
CA GLY A 304 -10.43 24.00 -6.00
C GLY A 304 -11.45 23.40 -6.94
N GLN A 305 -11.43 22.08 -7.13
CA GLN A 305 -12.37 21.39 -7.98
C GLN A 305 -13.55 20.82 -7.19
N ILE A 306 -13.60 21.09 -5.89
CA ILE A 306 -14.65 20.55 -5.02
C ILE A 306 -15.52 21.69 -4.53
N LEU A 307 -16.79 21.68 -4.92
CA LEU A 307 -17.78 22.59 -4.38
C LEU A 307 -18.41 22.01 -3.13
N ARG A 308 -18.68 22.87 -2.14
CA ARG A 308 -19.35 22.45 -0.91
C ARG A 308 -20.46 23.42 -0.56
N ALA A 309 -21.65 22.89 -0.27
CA ALA A 309 -22.75 23.69 0.25
C ALA A 309 -23.66 22.80 1.11
N ASP A 310 -24.00 23.28 2.29
CA ASP A 310 -24.93 22.56 3.18
C ASP A 310 -24.47 21.11 3.43
N GLY A 311 -23.16 20.93 3.56
CA GLY A 311 -22.64 19.61 3.85
C GLY A 311 -22.58 18.67 2.67
N ARG A 312 -22.94 19.15 1.47
CA ARG A 312 -22.86 18.35 0.25
C ARG A 312 -21.63 18.74 -0.54
N TYR A 313 -20.88 17.73 -1.01
CA TYR A 313 -19.67 17.93 -1.80
C TYR A 313 -19.92 17.56 -3.26
N ALA A 314 -19.36 18.35 -4.18
CA ALA A 314 -19.57 18.14 -5.61
C ALA A 314 -18.28 18.42 -6.36
N VAL A 315 -17.78 17.42 -7.10
CA VAL A 315 -16.55 17.58 -7.88
C VAL A 315 -16.93 18.08 -9.27
N VAL A 316 -16.10 18.98 -9.82
CA VAL A 316 -16.33 19.53 -11.15
C VAL A 316 -15.00 19.54 -11.91
N ASP A 317 -15.07 19.93 -13.18
CA ASP A 317 -13.88 20.21 -14.03
C ASP A 317 -13.18 18.92 -14.45
N PHE A 318 -13.75 18.23 -15.44
CA PHE A 318 -13.24 16.95 -15.91
C PHE A 318 -12.55 17.02 -17.27
N ASP A 319 -12.04 18.19 -17.65
N ASP A 319 -12.04 18.17 -17.67
CA ASP A 319 -11.38 18.36 -18.94
CA ASP A 319 -11.39 18.31 -18.97
C ASP A 319 -9.97 17.77 -18.98
C ASP A 319 -9.92 17.89 -18.97
N GLY A 320 -9.39 17.44 -17.84
CA GLY A 320 -8.05 16.89 -17.78
C GLY A 320 -6.99 17.90 -17.38
N ASN A 321 -5.77 17.41 -17.30
CA ASN A 321 -4.63 18.22 -16.84
C ASN A 321 -4.26 19.26 -17.88
N PRO A 322 -4.40 20.56 -17.60
CA PRO A 322 -4.19 21.57 -18.64
C PRO A 322 -2.73 21.78 -19.03
N VAL A 323 -1.78 21.19 -18.32
CA VAL A 323 -0.38 21.30 -18.73
C VAL A 323 0.00 20.21 -19.72
N LEU A 324 -0.77 19.12 -19.82
CA LEU A 324 -0.53 18.13 -20.86
C LEU A 324 -1.00 18.66 -22.20
N PRO A 325 -0.40 18.19 -23.31
CA PRO A 325 -0.97 18.50 -24.63
C PRO A 325 -2.44 18.13 -24.66
N ALA A 326 -3.21 18.89 -25.43
CA ALA A 326 -4.67 18.73 -25.46
C ALA A 326 -5.04 17.30 -25.84
N ASP A 327 -4.27 16.66 -26.71
CA ASP A 327 -4.61 15.33 -27.19
C ASP A 327 -4.14 14.23 -26.24
N GLN A 328 -3.56 14.58 -25.10
CA GLN A 328 -3.20 13.61 -24.07
C GLN A 328 -4.08 13.71 -22.82
N ARG A 329 -4.99 14.68 -22.76
CA ARG A 329 -5.76 14.89 -21.53
C ARG A 329 -6.81 13.80 -21.31
N ALA A 330 -7.16 13.06 -22.33
CA ALA A 330 -8.11 11.96 -22.17
C ALA A 330 -7.44 10.65 -21.77
N ALA A 331 -6.11 10.58 -21.81
CA ALA A 331 -5.43 9.31 -21.56
C ALA A 331 -5.64 8.86 -20.11
N ARG A 332 -5.62 7.54 -19.93
CA ARG A 332 -5.69 6.98 -18.59
C ARG A 332 -4.40 7.21 -17.83
N GLN A 333 -4.53 7.34 -16.51
CA GLN A 333 -3.42 7.62 -15.60
C GLN A 333 -3.60 6.77 -14.35
N PRO A 334 -2.60 6.69 -13.47
CA PRO A 334 -2.80 6.02 -12.18
C PRO A 334 -3.81 6.78 -11.32
N ALA A 335 -4.67 6.03 -10.63
CA ALA A 335 -5.57 6.64 -9.66
C ALA A 335 -4.79 7.40 -8.60
N ALA A 336 -3.60 6.93 -8.24
CA ALA A 336 -2.80 7.62 -7.25
C ALA A 336 -2.48 9.06 -7.66
N LEU A 337 -2.53 9.36 -8.96
CA LEU A 337 -2.33 10.73 -9.39
C LEU A 337 -3.37 11.67 -8.80
N ASP A 338 -4.66 11.28 -8.87
CA ASP A 338 -5.70 12.09 -8.22
C ASP A 338 -5.46 12.15 -6.72
N VAL A 339 -5.04 11.02 -6.13
CA VAL A 339 -4.84 10.96 -4.69
C VAL A 339 -3.81 11.99 -4.26
N VAL A 340 -2.65 12.02 -4.95
CA VAL A 340 -1.60 12.95 -4.55
C VAL A 340 -2.00 14.38 -4.86
N GLY A 341 -2.76 14.59 -5.93
CA GLY A 341 -3.26 15.94 -6.21
C GLY A 341 -4.07 16.49 -5.05
N MET A 342 -4.95 15.68 -4.47
CA MET A 342 -5.79 16.16 -3.37
C MET A 342 -5.01 16.26 -2.07
N THR A 343 -4.15 15.28 -1.76
CA THR A 343 -3.40 15.37 -0.50
C THR A 343 -2.40 16.52 -0.55
N ALA A 344 -1.74 16.72 -1.69
CA ALA A 344 -0.91 17.91 -1.86
C ALA A 344 -1.74 19.18 -1.65
N SER A 345 -2.92 19.25 -2.30
CA SER A 345 -3.78 20.42 -2.17
C SER A 345 -4.15 20.69 -0.71
N LEU A 346 -4.46 19.65 0.05
CA LEU A 346 -4.79 19.82 1.47
C LEU A 346 -3.60 20.36 2.25
N ASP A 347 -2.41 19.83 1.99
CA ASP A 347 -1.20 20.40 2.58
C ASP A 347 -1.10 21.89 2.25
N HIS A 348 -1.31 22.24 0.98
CA HIS A 348 -1.15 23.63 0.54
C HIS A 348 -2.18 24.56 1.20
N VAL A 349 -3.41 24.06 1.42
CA VAL A 349 -4.41 24.83 2.15
C VAL A 349 -3.86 25.23 3.51
N GLY A 350 -3.25 24.28 4.21
CA GLY A 350 -2.66 24.60 5.49
C GLY A 350 -1.56 25.62 5.38
N ARG A 351 -0.70 25.50 4.35
CA ARG A 351 0.37 26.46 4.20
C ARG A 351 -0.18 27.86 3.97
N VAL A 352 -1.24 27.97 3.14
CA VAL A 352 -1.81 29.26 2.82
C VAL A 352 -2.44 29.91 4.06
N VAL A 353 -3.13 29.11 4.89
CA VAL A 353 -3.73 29.65 6.10
C VAL A 353 -2.65 30.26 6.98
N VAL A 354 -1.53 29.55 7.15
CA VAL A 354 -0.47 30.05 8.01
C VAL A 354 0.15 31.30 7.44
N PHE A 355 0.36 31.32 6.13
CA PHE A 355 1.03 32.44 5.48
C PHE A 355 0.16 33.71 5.47
N ARG A 356 -1.14 33.56 5.31
CA ARG A 356 -2.01 34.71 5.09
C ARG A 356 -2.70 35.22 6.36
N THR A 357 -2.69 34.47 7.44
CA THR A 357 -3.55 34.78 8.57
C THR A 357 -2.76 35.45 9.69
N PRO A 358 -3.02 36.72 10.00
CA PRO A 358 -2.28 37.36 11.10
C PRO A 358 -2.48 36.61 12.41
N ASP A 359 -1.42 36.56 13.23
CA ASP A 359 -1.47 36.03 14.59
C ASP A 359 -1.90 34.56 14.64
N VAL A 360 -1.76 33.85 13.53
CA VAL A 360 -2.11 32.44 13.51
C VAL A 360 -1.08 31.64 14.28
N ASP A 361 -1.53 30.60 14.99
CA ASP A 361 -0.63 29.64 15.61
C ASP A 361 -0.42 28.49 14.64
N PRO A 362 0.77 28.32 14.07
CA PRO A 362 0.95 27.26 13.07
C PRO A 362 0.92 25.86 13.63
N ALA A 363 1.12 25.68 14.93
CA ALA A 363 1.15 24.34 15.50
C ALA A 363 -0.12 23.56 15.19
N PRO A 364 -1.31 24.05 15.51
CA PRO A 364 -2.53 23.30 15.14
C PRO A 364 -2.71 23.12 13.65
N VAL A 365 -2.32 24.09 12.83
CA VAL A 365 -2.47 23.94 11.39
C VAL A 365 -1.55 22.85 10.87
N ARG A 366 -0.30 22.81 11.35
CA ARG A 366 0.64 21.80 10.87
C ARG A 366 0.25 20.41 11.35
N ALA A 367 -0.27 20.31 12.57
CA ALA A 367 -0.85 19.05 13.03
C ALA A 367 -1.99 18.63 12.12
N TRP A 368 -2.79 19.60 11.67
CA TRP A 368 -3.91 19.29 10.79
C TRP A 368 -3.42 18.83 9.42
N ILE A 369 -2.37 19.45 8.90
CA ILE A 369 -1.82 19.02 7.62
C ILE A 369 -1.50 17.53 7.64
N ALA A 370 -0.75 17.09 8.66
CA ALA A 370 -0.37 15.69 8.75
C ALA A 370 -1.58 14.80 8.98
N ALA A 371 -2.45 15.20 9.92
CA ALA A 371 -3.63 14.39 10.23
C ALA A 371 -4.62 14.36 9.08
N ALA A 372 -4.71 15.45 8.31
CA ALA A 372 -5.66 15.49 7.20
C ALA A 372 -5.24 14.53 6.08
N GLN A 373 -3.93 14.44 5.82
CA GLN A 373 -3.45 13.49 4.83
C GLN A 373 -3.73 12.06 5.25
N ARG A 374 -3.54 11.74 6.55
CA ARG A 374 -3.88 10.42 7.05
C ARG A 374 -5.39 10.18 7.00
N SER A 375 -6.20 11.17 7.39
CA SER A 375 -7.65 11.02 7.33
C SER A 375 -8.13 10.76 5.91
N PHE A 376 -7.58 11.50 4.94
CA PHE A 376 -7.97 11.30 3.56
C PHE A 376 -7.65 9.89 3.08
N LEU A 377 -6.38 9.47 3.25
CA LEU A 377 -5.95 8.15 2.78
C LEU A 377 -6.73 7.02 3.47
N ASP A 378 -6.93 7.12 4.78
CA ASP A 378 -7.68 6.06 5.48
C ASP A 378 -9.10 5.94 4.94
N ALA A 379 -9.78 7.08 4.79
CA ALA A 379 -11.13 7.05 4.22
C ALA A 379 -11.11 6.54 2.79
N TYR A 380 -10.14 6.98 2.00
CA TYR A 380 -10.03 6.52 0.61
C TYR A 380 -9.84 5.01 0.55
N ARG A 381 -8.89 4.48 1.32
CA ARG A 381 -8.64 3.04 1.33
C ARG A 381 -9.85 2.27 1.86
N THR A 382 -10.45 2.74 2.96
CA THR A 382 -11.61 2.06 3.51
C THR A 382 -12.76 2.03 2.50
N THR A 383 -13.00 3.14 1.82
CA THR A 383 -14.08 3.20 0.85
C THR A 383 -13.79 2.32 -0.37
N LEU A 384 -12.56 2.37 -0.90
CA LEU A 384 -12.21 1.45 -1.98
C LEU A 384 -12.46 0.00 -1.58
N ALA A 385 -12.11 -0.36 -0.34
CA ALA A 385 -12.32 -1.74 0.10
C ALA A 385 -13.81 -2.05 0.22
N ARG A 386 -14.59 -1.13 0.78
CA ARG A 386 -16.03 -1.30 0.85
C ARG A 386 -16.64 -1.50 -0.53
N LEU A 387 -16.06 -0.88 -1.55
CA LEU A 387 -16.55 -1.00 -2.92
C LEU A 387 -15.83 -2.11 -3.69
N ASP A 388 -15.02 -2.92 -3.03
CA ASP A 388 -14.26 -3.98 -3.68
C ASP A 388 -13.50 -3.44 -4.91
N ALA A 389 -12.81 -2.32 -4.70
CA ALA A 389 -12.01 -1.67 -5.74
C ALA A 389 -10.60 -1.38 -5.24
N ASP A 390 -10.11 -2.20 -4.31
CA ASP A 390 -8.82 -1.93 -3.67
C ASP A 390 -7.68 -1.82 -4.69
N ASP A 391 -7.74 -2.62 -5.75
CA ASP A 391 -6.59 -2.83 -6.62
C ASP A 391 -6.34 -1.69 -7.61
N LEU A 392 -7.22 -0.69 -7.69
CA LEU A 392 -6.92 0.42 -8.58
C LEU A 392 -5.92 1.39 -7.98
N PHE A 393 -5.67 1.30 -6.68
CA PHE A 393 -4.78 2.21 -5.97
C PHE A 393 -3.44 1.49 -5.72
N ASP A 394 -2.39 1.96 -6.39
CA ASP A 394 -1.02 1.46 -6.18
C ASP A 394 -0.26 2.52 -5.38
N ASP A 395 -0.14 2.30 -4.06
CA ASP A 395 0.42 3.33 -3.19
C ASP A 395 1.94 3.39 -3.26
N ARG A 396 2.59 2.51 -4.00
CA ARG A 396 4.00 2.71 -4.30
C ARG A 396 4.22 4.03 -5.05
N LEU A 397 3.19 4.53 -5.72
CA LEU A 397 3.31 5.77 -6.49
C LEU A 397 3.17 7.02 -5.64
N LEU A 398 2.79 6.87 -4.36
CA LEU A 398 2.49 8.07 -3.57
C LEU A 398 3.69 9.01 -3.51
N THR A 399 4.86 8.50 -3.10
CA THR A 399 5.98 9.42 -2.91
C THR A 399 6.46 10.03 -4.21
N PRO A 400 6.78 9.27 -5.26
CA PRO A 400 7.24 9.92 -6.50
C PRO A 400 6.24 10.91 -7.08
N LEU A 401 4.95 10.57 -7.12
CA LEU A 401 3.97 11.50 -7.70
C LEU A 401 3.75 12.72 -6.81
N ARG A 402 3.81 12.54 -5.49
CA ARG A 402 3.66 13.70 -4.60
C ARG A 402 4.83 14.67 -4.79
N TYR A 403 6.07 14.15 -4.83
CA TYR A 403 7.20 15.02 -5.06
C TYR A 403 6.99 15.81 -6.35
N ALA A 404 6.53 15.13 -7.41
CA ALA A 404 6.34 15.82 -8.69
C ALA A 404 5.27 16.90 -8.58
N GLN A 405 4.26 16.68 -7.75
CA GLN A 405 3.24 17.71 -7.53
C GLN A 405 3.87 18.96 -6.94
N GLU A 406 4.72 18.78 -5.91
CA GLU A 406 5.35 19.93 -5.27
C GLU A 406 6.28 20.66 -6.24
N VAL A 407 6.99 19.91 -7.10
CA VAL A 407 7.83 20.55 -8.10
C VAL A 407 7.00 21.38 -9.06
N ARG A 408 5.80 20.92 -9.40
CA ARG A 408 4.93 21.72 -10.26
C ARG A 408 4.58 23.07 -9.61
N GLU A 409 4.52 23.11 -8.27
CA GLU A 409 4.18 24.36 -7.60
C GLU A 409 5.29 25.37 -7.74
N TYR A 410 6.56 24.91 -7.72
CA TYR A 410 7.67 25.79 -8.00
C TYR A 410 7.56 26.41 -9.39
N LEU A 411 7.18 25.59 -10.38
CA LEU A 411 7.09 26.08 -11.74
C LEU A 411 5.94 27.07 -11.88
N TYR A 412 4.80 26.77 -11.26
CA TYR A 412 3.71 27.75 -11.22
C TYR A 412 4.20 29.07 -10.64
N ALA A 413 4.92 29.01 -9.51
CA ALA A 413 5.38 30.21 -8.84
C ALA A 413 6.26 31.05 -9.77
N VAL A 414 7.31 30.43 -10.33
CA VAL A 414 8.27 31.22 -11.08
C VAL A 414 7.63 31.78 -12.36
N ARG A 415 6.60 31.12 -12.87
CA ARG A 415 5.96 31.56 -14.10
C ARG A 415 4.83 32.57 -13.87
N HIS A 416 4.19 32.55 -12.71
CA HIS A 416 2.95 33.29 -12.51
C HIS A 416 2.88 34.04 -11.19
N LEU A 417 3.58 33.62 -10.15
CA LEU A 417 3.38 34.16 -8.81
C LEU A 417 4.62 33.87 -7.97
N PRO A 418 5.66 34.70 -8.07
CA PRO A 418 6.97 34.30 -7.54
C PRO A 418 6.99 33.91 -6.06
N HIS A 419 6.21 34.57 -5.21
CA HIS A 419 6.32 34.30 -3.78
C HIS A 419 5.74 32.96 -3.40
N TRP A 420 4.97 32.33 -4.28
CA TRP A 420 4.33 31.05 -4.01
C TRP A 420 5.33 29.93 -3.74
N VAL A 421 6.63 30.14 -3.99
CA VAL A 421 7.61 29.13 -3.70
C VAL A 421 7.58 28.67 -2.25
N TYR A 422 6.98 29.45 -1.33
CA TYR A 422 6.97 29.03 0.06
C TYR A 422 6.14 27.76 0.26
N VAL A 423 5.13 27.55 -0.58
CA VAL A 423 4.22 26.41 -0.43
C VAL A 423 4.99 25.11 -0.64
N PRO A 424 5.62 24.88 -1.79
CA PRO A 424 6.39 23.62 -1.91
C PRO A 424 7.58 23.55 -1.00
N ASP A 425 8.20 24.70 -0.68
CA ASP A 425 9.33 24.69 0.24
C ASP A 425 8.91 24.12 1.60
N LEU A 426 7.81 24.62 2.15
CA LEU A 426 7.38 24.15 3.46
C LEU A 426 6.77 22.75 3.37
N SER A 427 6.05 22.46 2.29
CA SER A 427 5.50 21.12 2.09
CA SER A 427 5.51 21.12 2.11
C SER A 427 6.62 20.09 2.06
N LEU A 428 7.64 20.30 1.21
CA LEU A 428 8.73 19.35 1.08
C LEU A 428 9.56 19.28 2.35
N THR A 429 9.69 20.40 3.06
CA THR A 429 10.38 20.38 4.34
C THR A 429 9.78 19.36 5.29
N ASP A 430 8.44 19.27 5.33
CA ASP A 430 7.77 18.29 6.17
C ASP A 430 7.69 16.90 5.53
N LEU A 431 7.73 16.81 4.20
CA LEU A 431 7.61 15.52 3.52
C LEU A 431 8.93 14.73 3.57
N LEU A 432 10.03 15.40 3.29
CA LEU A 432 11.30 14.70 3.10
C LEU A 432 11.72 14.02 4.40
N PRO A 433 12.37 12.86 4.31
CA PRO A 433 12.82 12.18 5.54
C PRO A 433 13.81 13.06 6.30
N GLU A 434 13.47 13.36 7.55
CA GLU A 434 14.28 14.26 8.37
C GLU A 434 15.65 13.69 8.66
N ARG A 435 15.92 12.47 8.18
CA ARG A 435 17.26 11.90 8.25
C ARG A 435 18.21 12.53 7.23
N LEU A 436 17.82 13.60 6.55
CA LEU A 436 18.70 14.26 5.59
C LEU A 436 18.25 15.71 5.37
N MET B 1 39.49 -43.08 43.19
CA MET B 1 39.28 -42.80 41.75
C MET B 1 37.91 -42.18 41.51
N THR B 2 37.88 -41.09 40.74
CA THR B 2 36.60 -40.50 40.38
C THR B 2 35.81 -41.50 39.53
N PRO B 3 34.48 -41.50 39.63
CA PRO B 3 33.69 -42.41 38.79
C PRO B 3 33.76 -42.01 37.33
N ASN B 4 33.57 -42.99 36.45
CA ASN B 4 33.55 -42.74 35.02
C ASN B 4 32.31 -41.93 34.66
N TRP B 5 32.24 -41.52 33.40
CA TRP B 5 31.13 -40.69 32.95
C TRP B 5 29.80 -41.38 33.21
N SER B 6 29.65 -42.63 32.74
CA SER B 6 28.41 -43.35 32.93
C SER B 6 28.01 -43.39 34.40
N GLU B 7 28.97 -43.65 35.29
CA GLU B 7 28.68 -43.66 36.72
C GLU B 7 28.24 -42.27 37.20
N LEU B 8 28.82 -41.22 36.63
CA LEU B 8 28.45 -39.86 37.02
C LEU B 8 27.00 -39.57 36.68
N VAL B 9 26.58 -39.89 35.45
CA VAL B 9 25.22 -39.60 35.02
C VAL B 9 24.23 -40.40 35.86
N ALA B 10 24.51 -41.69 36.06
CA ALA B 10 23.60 -42.54 36.82
C ALA B 10 23.36 -41.97 38.20
N ALA B 11 24.42 -41.66 38.93
CA ALA B 11 24.31 -41.13 40.29
C ALA B 11 24.28 -39.61 40.28
N ALA B 12 23.44 -39.03 39.42
CA ALA B 12 23.31 -37.59 39.29
C ALA B 12 21.85 -37.20 39.45
N ASP B 13 21.64 -36.03 40.03
CA ASP B 13 20.30 -35.48 40.17
C ASP B 13 19.68 -35.34 38.78
N PRO B 14 18.55 -36.00 38.50
CA PRO B 14 18.02 -36.00 37.13
C PRO B 14 17.76 -34.62 36.55
N ALA B 15 17.77 -33.56 37.37
CA ALA B 15 17.67 -32.20 36.84
C ALA B 15 18.93 -31.78 36.09
N LEU B 16 20.01 -32.56 36.18
CA LEU B 16 21.25 -32.22 35.46
C LEU B 16 21.00 -32.04 33.98
N VAL B 17 20.03 -32.77 33.41
CA VAL B 17 19.73 -32.62 32.00
C VAL B 17 19.01 -31.29 31.72
N LEU B 18 18.39 -30.70 32.72
CA LEU B 18 17.67 -29.44 32.52
C LEU B 18 18.65 -28.27 32.56
N PRO B 19 18.57 -27.33 31.59
CA PRO B 19 19.40 -26.13 31.66
C PRO B 19 18.82 -25.06 32.57
N LEU B 33 19.34 -41.45 35.95
CA LEU B 33 19.57 -41.22 34.53
C LEU B 33 20.44 -42.33 33.95
N ARG B 34 20.62 -42.33 32.63
CA ARG B 34 21.45 -43.32 31.96
C ARG B 34 22.18 -42.65 30.81
N LEU B 35 23.50 -42.81 30.78
CA LEU B 35 24.33 -42.25 29.71
C LEU B 35 24.32 -43.19 28.51
N ASP B 36 23.91 -42.68 27.35
CA ASP B 36 23.86 -43.46 26.13
C ASP B 36 25.08 -43.27 25.24
N ALA B 37 25.66 -42.08 25.22
CA ALA B 37 26.83 -41.79 24.41
C ALA B 37 27.59 -40.62 25.03
N LEU B 38 28.88 -40.57 24.76
CA LEU B 38 29.77 -39.61 25.40
C LEU B 38 30.85 -39.20 24.43
N LEU B 39 30.94 -37.90 24.14
CA LEU B 39 32.00 -37.33 23.31
C LEU B 39 32.94 -36.58 24.25
N ASP B 40 34.02 -37.25 24.65
CA ASP B 40 34.99 -36.62 25.53
C ASP B 40 35.67 -35.46 24.81
N LEU B 41 35.63 -34.28 25.42
CA LEU B 41 36.25 -33.08 24.87
C LEU B 41 37.54 -32.72 25.58
N GLY B 42 38.04 -33.58 26.45
CA GLY B 42 39.30 -33.31 27.14
C GLY B 42 39.16 -32.30 28.25
N GLU B 43 40.05 -32.38 29.25
CA GLU B 43 40.09 -31.44 30.35
C GLU B 43 38.80 -31.46 31.18
N GLY B 44 38.13 -32.61 31.20
CA GLY B 44 36.90 -32.76 31.95
C GLY B 44 35.63 -32.35 31.24
N HIS B 45 35.73 -31.92 29.99
CA HIS B 45 34.57 -31.51 29.22
C HIS B 45 34.09 -32.67 28.33
N ALA B 46 32.79 -32.71 28.09
CA ALA B 46 32.21 -33.75 27.27
C ALA B 46 30.82 -33.34 26.81
N VAL B 47 30.33 -34.02 25.78
CA VAL B 47 28.95 -33.91 25.33
C VAL B 47 28.32 -35.28 25.51
N GLY B 48 27.30 -35.35 26.36
CA GLY B 48 26.65 -36.61 26.70
C GLY B 48 25.23 -36.65 26.17
N VAL B 49 24.82 -37.83 25.73
CA VAL B 49 23.42 -38.10 25.36
C VAL B 49 22.83 -38.89 26.53
N VAL B 50 22.09 -38.20 27.39
CA VAL B 50 21.56 -38.79 28.62
C VAL B 50 20.12 -39.23 28.38
N ARG B 51 19.78 -40.41 28.86
CA ARG B 51 18.44 -40.97 28.74
C ARG B 51 17.79 -40.99 30.12
N SER B 52 16.59 -40.43 30.21
CA SER B 52 15.84 -40.42 31.46
C SER B 52 14.99 -41.69 31.60
N ALA B 53 14.40 -41.86 32.78
CA ALA B 53 13.61 -43.05 33.06
C ALA B 53 12.42 -43.20 32.13
N ASP B 54 11.95 -42.10 31.53
CA ASP B 54 10.85 -42.13 30.59
C ASP B 54 11.30 -42.32 29.15
N ALA B 55 12.53 -42.78 28.93
CA ALA B 55 13.12 -42.97 27.61
C ALA B 55 13.32 -41.66 26.86
N ALA B 56 13.13 -40.51 27.51
CA ALA B 56 13.40 -39.23 26.89
C ALA B 56 14.90 -38.98 26.87
N ARG B 57 15.39 -38.46 25.75
CA ARG B 57 16.81 -38.24 25.54
C ARG B 57 17.14 -36.75 25.61
N TRP B 58 18.40 -36.46 25.95
CA TRP B 58 18.82 -35.10 26.18
C TRP B 58 20.25 -34.93 25.70
N THR B 59 20.52 -33.81 25.03
CA THR B 59 21.88 -33.38 24.78
C THR B 59 22.35 -32.58 26.01
N VAL B 60 23.38 -33.08 26.67
CA VAL B 60 23.85 -32.46 27.91
C VAL B 60 25.31 -32.08 27.78
N PRO B 61 25.65 -30.79 27.79
CA PRO B 61 27.06 -30.40 27.88
C PRO B 61 27.56 -30.62 29.30
N LEU B 62 28.59 -31.43 29.45
CA LEU B 62 29.04 -31.91 30.74
C LEU B 62 30.42 -31.38 31.09
N VAL B 63 30.64 -31.10 32.36
CA VAL B 63 31.93 -30.67 32.87
C VAL B 63 32.13 -31.34 34.22
N ARG B 64 33.31 -31.94 34.40
CA ARG B 64 33.60 -32.64 35.64
C ARG B 64 33.76 -31.65 36.79
N ASP B 65 33.39 -32.11 37.99
CA ASP B 65 33.54 -31.31 39.20
C ASP B 65 34.88 -31.57 39.90
N GLY B 66 35.33 -32.82 39.91
CA GLY B 66 36.59 -33.16 40.54
C GLY B 66 37.19 -34.45 40.01
N GLY B 69 32.38 -35.62 40.93
CA GLY B 69 31.11 -34.97 40.66
C GLY B 69 30.92 -34.58 39.21
N VAL B 70 29.74 -34.05 38.90
CA VAL B 70 29.42 -33.64 37.53
C VAL B 70 28.27 -32.65 37.61
N ARG B 71 28.10 -31.88 36.53
CA ARG B 71 27.02 -30.91 36.43
C ARG B 71 26.97 -30.41 35.00
N ARG B 72 25.77 -30.05 34.55
CA ARG B 72 25.63 -29.42 33.25
C ARG B 72 26.50 -28.17 33.21
N SER B 73 27.37 -28.09 32.21
CA SER B 73 28.25 -26.92 32.09
C SER B 73 27.44 -25.67 31.80
N ARG B 74 27.82 -24.56 32.42
CA ARG B 74 27.19 -23.27 32.18
C ARG B 74 28.11 -22.39 31.35
N PRO B 75 27.58 -21.34 30.73
CA PRO B 75 28.43 -20.43 29.94
C PRO B 75 29.54 -19.85 30.81
N GLY B 76 30.78 -20.15 30.44
CA GLY B 76 31.95 -19.78 31.20
C GLY B 76 32.83 -20.95 31.58
N ASP B 77 32.24 -22.14 31.71
CA ASP B 77 33.02 -23.32 32.06
C ASP B 77 33.97 -23.72 30.94
N GLY B 78 33.58 -23.49 29.69
CA GLY B 78 34.43 -23.76 28.55
C GLY B 78 34.01 -24.93 27.68
N THR B 79 32.89 -25.59 27.99
CA THR B 79 32.48 -26.75 27.21
C THR B 79 32.21 -26.35 25.75
N ALA B 80 31.36 -25.34 25.54
CA ALA B 80 31.14 -24.86 24.19
C ALA B 80 32.45 -24.43 23.54
N GLU B 81 33.36 -23.85 24.34
CA GLU B 81 34.67 -23.46 23.82
C GLU B 81 35.48 -24.68 23.39
N HIS B 82 35.34 -25.79 24.12
CA HIS B 82 36.03 -27.01 23.72
C HIS B 82 35.43 -27.61 22.45
N LEU B 83 34.10 -27.47 22.27
CA LEU B 83 33.48 -28.01 21.07
C LEU B 83 33.95 -27.26 19.83
N VAL B 84 34.02 -25.92 19.89
CA VAL B 84 34.50 -25.15 18.76
C VAL B 84 35.92 -25.56 18.41
N ALA B 85 36.77 -25.77 19.42
CA ALA B 85 38.14 -26.19 19.17
C ALA B 85 38.19 -27.59 18.56
N ALA B 86 37.31 -28.49 19.00
CA ALA B 86 37.28 -29.83 18.43
C ALA B 86 36.90 -29.79 16.95
N LEU B 87 36.01 -28.87 16.57
CA LEU B 87 35.65 -28.75 15.16
C LEU B 87 36.87 -28.38 14.32
N ALA B 88 37.73 -27.50 14.84
CA ALA B 88 38.95 -27.13 14.14
C ALA B 88 39.84 -28.33 13.91
N ALA B 97 30.39 -43.01 15.98
CA ALA B 97 29.44 -42.65 17.03
C ALA B 97 29.02 -41.18 16.91
N PHE B 98 30.01 -40.30 16.94
CA PHE B 98 29.78 -38.86 16.79
C PHE B 98 30.40 -38.39 15.48
N VAL B 99 29.72 -37.46 14.81
CA VAL B 99 30.18 -36.89 13.55
C VAL B 99 30.38 -35.40 13.77
N LEU B 100 31.64 -34.97 13.78
CA LEU B 100 31.99 -33.56 13.86
C LEU B 100 32.25 -33.05 12.45
N GLU B 101 31.41 -32.13 12.00
CA GLU B 101 31.50 -31.57 10.66
C GLU B 101 31.74 -30.08 10.76
N ALA B 102 32.92 -29.63 10.34
CA ALA B 102 33.27 -28.23 10.34
C ALA B 102 33.13 -27.65 8.93
N PHE B 103 33.07 -26.33 8.87
CA PHE B 103 33.02 -25.59 7.62
C PHE B 103 34.16 -24.58 7.58
N THR B 104 34.33 -23.96 6.42
CA THR B 104 35.50 -23.12 6.18
C THR B 104 35.59 -21.92 7.12
N GLY B 105 34.51 -21.59 7.82
CA GLY B 105 34.51 -20.47 8.72
C GLY B 105 34.94 -20.76 10.14
N ALA B 106 35.36 -21.99 10.43
CA ALA B 106 35.69 -22.37 11.79
C ALA B 106 37.01 -21.74 12.23
N ALA B 107 37.25 -21.78 13.54
CA ALA B 107 38.47 -21.24 14.16
C ALA B 107 38.43 -21.50 15.66
N PRO B 108 39.57 -21.76 16.29
CA PRO B 108 39.58 -22.03 17.76
C PRO B 108 39.43 -20.76 18.59
N VAL B 109 38.19 -20.32 18.75
CA VAL B 109 37.90 -19.12 19.55
C VAL B 109 37.80 -19.51 21.01
N THR B 110 38.03 -18.53 21.89
CA THR B 110 38.03 -18.75 23.33
C THR B 110 37.19 -17.68 24.01
N GLY B 111 36.66 -18.04 25.18
CA GLY B 111 35.79 -17.13 25.92
C GLY B 111 34.33 -17.40 25.66
N GLU B 112 33.52 -17.49 26.70
CA GLU B 112 32.11 -17.85 26.58
C GLU B 112 31.23 -16.80 27.22
N ARG B 113 30.13 -16.48 26.56
CA ARG B 113 29.11 -15.59 27.11
C ARG B 113 27.74 -16.17 26.81
N GLY B 114 26.92 -16.31 27.84
CA GLY B 114 25.64 -16.95 27.70
C GLY B 114 24.56 -16.03 27.16
N ILE B 115 23.46 -16.65 26.75
CA ILE B 115 22.30 -15.93 26.25
C ILE B 115 21.06 -16.34 27.04
N SER B 123 21.92 -20.99 24.25
CA SER B 123 23.01 -20.68 23.33
C SER B 123 24.21 -20.10 24.09
N VAL B 124 25.41 -20.39 23.58
CA VAL B 124 26.65 -19.92 24.17
C VAL B 124 27.46 -19.22 23.08
N ILE B 125 27.78 -17.94 23.29
CA ILE B 125 28.60 -17.19 22.36
C ILE B 125 30.07 -17.46 22.67
N VAL B 126 30.82 -17.88 21.67
CA VAL B 126 32.23 -18.22 21.82
C VAL B 126 33.06 -17.21 21.05
N GLY B 127 34.05 -16.62 21.72
CA GLY B 127 34.94 -15.67 21.08
C GLY B 127 34.25 -14.46 20.51
N GLU B 128 33.00 -14.22 20.89
CA GLU B 128 32.21 -13.12 20.34
C GLU B 128 32.19 -13.15 18.82
N CYS B 129 32.20 -14.35 18.24
CA CYS B 129 32.07 -14.48 16.80
C CYS B 129 31.45 -15.81 16.38
N ALA B 130 31.08 -16.68 17.31
CA ALA B 130 30.43 -17.96 17.00
C ALA B 130 29.38 -18.23 18.06
N VAL B 131 28.29 -18.86 17.63
CA VAL B 131 27.16 -19.19 18.51
C VAL B 131 27.04 -20.70 18.57
N VAL B 132 27.22 -21.26 19.75
CA VAL B 132 27.03 -22.69 19.99
C VAL B 132 25.61 -22.89 20.51
N LYS B 133 24.87 -23.81 19.88
CA LYS B 133 23.47 -24.04 20.20
C LYS B 133 23.29 -25.52 20.49
N TRP B 134 23.01 -25.84 21.76
CA TRP B 134 22.85 -27.23 22.18
C TRP B 134 21.40 -27.66 21.96
N ALA B 135 21.22 -28.86 21.39
CA ALA B 135 19.89 -29.43 21.17
C ALA B 135 19.43 -30.10 22.45
N VAL B 136 19.02 -29.26 23.41
CA VAL B 136 18.77 -29.72 24.79
C VAL B 136 17.88 -30.96 24.79
N ARG B 137 16.70 -30.86 24.17
CA ARG B 137 15.74 -31.96 24.16
C ARG B 137 15.86 -32.72 22.85
N LEU B 138 16.16 -34.00 22.94
CA LEU B 138 16.36 -34.85 21.79
C LEU B 138 15.10 -35.66 21.50
N PRO B 139 14.94 -36.15 20.26
CA PRO B 139 13.76 -36.97 19.93
C PRO B 139 13.63 -38.19 20.85
N GLU B 143 13.62 -41.87 15.99
CA GLU B 143 12.85 -40.67 15.64
C GLU B 143 13.77 -39.53 15.21
N PRO B 144 13.33 -38.74 14.23
CA PRO B 144 14.19 -37.66 13.74
C PRO B 144 14.29 -36.52 14.75
N GLY B 145 15.44 -35.84 14.72
CA GLY B 145 15.71 -34.76 15.64
C GLY B 145 15.45 -33.39 15.05
N SER B 146 16.38 -32.47 15.25
CA SER B 146 16.22 -31.10 14.75
C SER B 146 16.67 -31.02 13.29
N PRO B 147 15.91 -30.33 12.44
CA PRO B 147 16.30 -30.19 11.04
C PRO B 147 17.27 -29.04 10.77
N ALA B 148 17.71 -28.32 11.80
CA ALA B 148 18.49 -27.11 11.58
C ALA B 148 19.62 -27.33 10.59
N ALA B 149 20.30 -28.48 10.67
CA ALA B 149 21.43 -28.73 9.80
C ALA B 149 20.98 -28.91 8.35
N GLN B 150 19.90 -29.65 8.13
CA GLN B 150 19.41 -29.85 6.77
C GLN B 150 18.96 -28.53 6.15
N ARG B 151 18.31 -27.69 6.95
CA ARG B 151 17.84 -26.39 6.46
C ARG B 151 19.01 -25.51 6.07
N ILE B 152 19.97 -25.33 6.98
CA ILE B 152 21.10 -24.46 6.72
C ILE B 152 21.92 -24.99 5.55
N ALA B 153 22.16 -26.30 5.50
CA ALA B 153 22.88 -26.88 4.37
C ALA B 153 22.12 -26.65 3.07
N ALA B 154 20.80 -26.82 3.08
CA ALA B 154 20.02 -26.62 1.86
C ALA B 154 20.07 -25.17 1.41
N LEU B 155 20.01 -24.22 2.35
CA LEU B 155 20.15 -22.80 2.01
C LEU B 155 21.51 -22.51 1.41
N ALA B 156 22.58 -23.05 2.01
CA ALA B 156 23.92 -22.82 1.48
C ALA B 156 24.04 -23.34 0.05
N ARG B 157 23.72 -24.61 -0.18
CA ARG B 157 23.80 -25.16 -1.52
C ARG B 157 22.92 -24.39 -2.48
N GLY B 158 21.77 -23.90 -2.01
CA GLY B 158 20.88 -23.10 -2.83
C GLY B 158 21.36 -21.70 -3.11
N GLY B 159 22.53 -21.31 -2.60
CA GLY B 159 23.03 -19.97 -2.79
C GLY B 159 22.45 -18.92 -1.88
N PHE B 160 21.72 -19.32 -0.83
CA PHE B 160 21.12 -18.36 0.09
C PHE B 160 22.16 -17.92 1.10
N THR B 161 22.43 -16.62 1.15
CA THR B 161 23.46 -16.07 2.00
C THR B 161 22.94 -15.23 3.15
N GLU B 162 21.66 -14.84 3.13
CA GLU B 162 21.11 -13.95 4.15
C GLU B 162 20.90 -14.73 5.44
N MET B 163 22.00 -15.11 6.07
CA MET B 163 22.00 -15.90 7.29
C MET B 163 23.41 -15.90 7.83
N PRO B 164 23.62 -16.09 9.14
CA PRO B 164 24.98 -16.14 9.67
C PRO B 164 25.74 -17.31 9.06
N ARG B 165 26.98 -17.05 8.68
CA ARG B 165 27.81 -18.09 8.08
C ARG B 165 27.85 -19.30 9.00
N PRO B 166 27.60 -20.51 8.49
CA PRO B 166 27.71 -21.70 9.35
C PRO B 166 29.16 -22.01 9.67
N TRP B 167 29.37 -22.56 10.86
CA TRP B 167 30.70 -22.96 11.30
C TRP B 167 30.88 -24.47 11.38
N GLY B 168 29.91 -25.20 11.92
CA GLY B 168 30.07 -26.63 12.07
C GLY B 168 28.83 -27.27 12.65
N LEU B 169 28.91 -28.59 12.81
CA LEU B 169 27.79 -29.38 13.29
C LEU B 169 28.30 -30.58 14.07
N LEU B 170 27.52 -30.99 15.07
CA LEU B 170 27.81 -32.19 15.85
C LEU B 170 26.57 -33.06 15.83
N THR B 171 26.69 -34.28 15.31
CA THR B 171 25.56 -35.19 15.18
C THR B 171 25.90 -36.54 15.79
N LEU B 172 24.88 -37.19 16.35
CA LEU B 172 25.01 -38.53 16.91
C LEU B 172 24.61 -39.53 15.84
N ALA B 173 25.58 -40.28 15.33
CA ALA B 173 25.35 -41.28 14.28
C ALA B 173 25.21 -42.63 14.95
N GLU B 174 23.98 -42.97 15.33
CA GLU B 174 23.70 -44.25 15.99
C GLU B 174 22.28 -44.70 15.69
N PRO B 178 19.94 -40.87 12.77
CA PRO B 178 20.91 -39.91 13.33
C PRO B 178 20.22 -38.69 13.91
N VAL B 179 20.95 -37.90 14.71
CA VAL B 179 20.38 -36.76 15.39
C VAL B 179 21.43 -35.67 15.52
N LEU B 180 20.98 -34.42 15.49
CA LEU B 180 21.85 -33.27 15.68
C LEU B 180 21.92 -32.96 17.18
N LEU B 181 23.13 -32.80 17.68
CA LEU B 181 23.33 -32.46 19.09
C LEU B 181 23.71 -31.00 19.30
N ALA B 182 24.44 -30.38 18.37
CA ALA B 182 24.86 -29.00 18.51
C ALA B 182 25.11 -28.42 17.13
N SER B 183 24.76 -27.15 16.96
CA SER B 183 25.05 -26.40 15.75
C SER B 183 25.87 -25.17 16.13
N VAL B 184 26.74 -24.75 15.22
CA VAL B 184 27.59 -23.58 15.42
C VAL B 184 27.50 -22.71 14.17
N VAL B 185 27.12 -21.46 14.36
CA VAL B 185 27.04 -20.50 13.27
C VAL B 185 27.69 -19.20 13.73
N ALA B 186 27.97 -18.34 12.75
CA ALA B 186 28.64 -17.07 13.05
C ALA B 186 27.77 -16.21 13.95
N TYR B 187 28.43 -15.49 14.86
CA TYR B 187 27.77 -14.52 15.71
C TYR B 187 27.95 -13.13 15.10
N LEU B 188 26.84 -12.39 14.99
CA LEU B 188 26.86 -11.03 14.45
C LEU B 188 26.86 -10.06 15.63
N PRO B 189 28.02 -9.53 16.06
CA PRO B 189 28.05 -8.80 17.33
C PRO B 189 27.30 -7.47 17.32
N GLY B 190 27.02 -6.89 16.17
CA GLY B 190 26.31 -5.63 16.13
C GLY B 190 24.85 -5.76 15.71
N ALA B 191 24.30 -6.97 15.81
CA ALA B 191 22.99 -7.26 15.27
C ALA B 191 21.92 -7.23 16.36
N LEU B 192 20.71 -6.85 15.95
CA LEU B 192 19.52 -6.94 16.78
C LEU B 192 18.54 -7.88 16.09
N ASP B 193 17.70 -8.56 16.87
CA ASP B 193 16.63 -9.33 16.27
C ASP B 193 15.42 -8.42 16.07
N GLY B 194 14.43 -8.93 15.34
CA GLY B 194 13.33 -8.08 14.89
C GLY B 194 12.48 -7.52 16.01
N TRP B 195 12.34 -8.23 17.11
CA TRP B 195 11.58 -7.69 18.22
C TRP B 195 12.25 -6.44 18.78
N ASP B 196 13.51 -6.20 18.44
CA ASP B 196 14.17 -4.93 18.77
C ASP B 196 14.05 -3.93 17.62
N TRP B 197 14.57 -4.30 16.42
CA TRP B 197 14.70 -3.28 15.40
C TRP B 197 13.38 -2.92 14.74
N ALA B 198 12.45 -3.85 14.64
CA ALA B 198 11.15 -3.54 14.05
C ALA B 198 10.32 -2.67 14.99
N VAL B 199 10.38 -2.97 16.28
CA VAL B 199 9.73 -2.12 17.27
C VAL B 199 10.33 -0.73 17.25
N ASP B 200 11.65 -0.64 17.15
CA ASP B 200 12.29 0.68 17.09
C ASP B 200 11.90 1.42 15.82
N ASP B 201 11.85 0.72 14.68
CA ASP B 201 11.44 1.33 13.41
C ASP B 201 10.06 1.97 13.56
N VAL B 202 9.08 1.20 14.06
CA VAL B 202 7.70 1.66 14.09
C VAL B 202 7.52 2.72 15.17
N ARG B 203 8.31 2.63 16.25
CA ARG B 203 8.30 3.67 17.28
C ARG B 203 8.82 4.99 16.72
N ARG B 204 9.85 4.92 15.87
CA ARG B 204 10.37 6.13 15.25
C ARG B 204 9.37 6.68 14.22
N LEU B 205 8.62 5.81 13.56
CA LEU B 205 7.54 6.27 12.70
C LEU B 205 6.50 7.04 13.50
N ALA B 206 6.06 6.46 14.62
CA ALA B 206 5.04 7.10 15.44
C ALA B 206 5.49 8.45 15.94
N ARG B 207 6.80 8.67 16.09
CA ARG B 207 7.33 9.96 16.49
C ARG B 207 7.65 10.85 15.31
N GLY B 208 7.53 10.35 14.08
CA GLY B 208 7.82 11.15 12.92
C GLY B 208 9.27 11.17 12.51
N GLU B 209 10.13 10.43 13.19
CA GLU B 209 11.53 10.38 12.80
C GLU B 209 11.75 9.61 11.50
N LEU B 210 10.82 8.72 11.13
CA LEU B 210 10.86 8.01 9.88
C LEU B 210 9.56 8.27 9.11
N THR B 211 9.66 8.33 7.79
CA THR B 211 8.46 8.34 6.97
C THR B 211 7.86 6.93 6.91
N MET B 212 6.61 6.86 6.43
CA MET B 212 5.96 5.57 6.25
C MET B 212 6.70 4.72 5.22
N ASP B 213 7.17 5.33 4.13
CA ASP B 213 7.93 4.57 3.15
C ASP B 213 9.19 3.99 3.78
N GLN B 214 9.86 4.77 4.63
CA GLN B 214 11.05 4.27 5.31
C GLN B 214 10.71 3.12 6.23
N ALA B 215 9.58 3.20 6.93
CA ALA B 215 9.19 2.17 7.89
C ALA B 215 8.67 0.92 7.22
N LEU B 216 8.26 1.00 5.97
CA LEU B 216 7.78 -0.16 5.24
C LEU B 216 8.88 -0.87 4.46
N LEU B 217 10.02 -0.23 4.26
CA LEU B 217 11.09 -0.87 3.49
C LEU B 217 11.53 -2.19 4.12
N PRO B 218 11.72 -2.30 5.44
CA PRO B 218 12.12 -3.61 5.98
C PRO B 218 11.09 -4.71 5.71
N ALA B 219 9.80 -4.39 5.75
CA ALA B 219 8.79 -5.40 5.47
C ALA B 219 8.92 -5.92 4.04
N ALA B 220 9.21 -5.03 3.10
CA ALA B 220 9.39 -5.44 1.72
C ALA B 220 10.64 -6.31 1.58
N GLN B 221 11.76 -5.88 2.17
CA GLN B 221 12.98 -6.68 2.10
C GLN B 221 12.78 -8.05 2.73
N LEU B 222 12.05 -8.11 3.85
CA LEU B 222 11.73 -9.40 4.45
C LEU B 222 10.88 -10.26 3.52
N GLY B 223 9.99 -9.65 2.74
CA GLY B 223 9.22 -10.40 1.77
C GLY B 223 10.09 -11.05 0.70
N THR B 224 11.10 -10.31 0.22
CA THR B 224 11.97 -10.87 -0.81
C THR B 224 12.90 -11.92 -0.20
N LEU B 225 13.36 -11.70 1.02
CA LEU B 225 14.22 -12.68 1.68
C LEU B 225 13.49 -14.00 1.88
N THR B 226 12.21 -13.94 2.29
CA THR B 226 11.45 -15.14 2.56
C THR B 226 11.20 -15.94 1.28
N ALA B 227 10.94 -15.26 0.17
CA ALA B 227 10.79 -15.96 -1.10
C ALA B 227 12.05 -16.70 -1.49
N ARG B 228 13.21 -16.05 -1.39
CA ARG B 228 14.46 -16.72 -1.71
C ARG B 228 14.73 -17.86 -0.74
N MET B 229 14.37 -17.70 0.53
CA MET B 229 14.53 -18.79 1.49
C MET B 229 13.73 -20.01 1.05
N HIS B 230 12.46 -19.80 0.68
CA HIS B 230 11.60 -20.91 0.29
C HIS B 230 12.03 -21.51 -1.04
N ALA B 231 12.37 -20.68 -2.02
CA ALA B 231 12.84 -21.23 -3.29
C ALA B 231 14.04 -22.14 -3.08
N ALA B 232 14.97 -21.73 -2.21
CA ALA B 232 16.12 -22.56 -1.93
C ALA B 232 15.73 -23.83 -1.18
N LEU B 233 14.87 -23.71 -0.17
CA LEU B 233 14.42 -24.89 0.56
C LEU B 233 13.61 -25.82 -0.34
N ALA B 234 12.79 -25.25 -1.23
CA ALA B 234 11.98 -26.08 -2.12
C ALA B 234 12.81 -26.82 -3.16
N ALA B 235 14.08 -26.44 -3.33
CA ALA B 235 14.94 -27.17 -4.27
C ALA B 235 15.14 -28.61 -3.83
N ARG B 236 15.06 -28.87 -2.52
CA ARG B 236 15.19 -30.23 -2.01
C ARG B 236 13.95 -31.08 -2.28
N GLY B 237 12.88 -30.49 -2.81
CA GLY B 237 11.71 -31.25 -3.19
C GLY B 237 10.47 -30.83 -2.42
N ARG B 238 9.35 -31.36 -2.88
CA ARG B 238 8.06 -31.07 -2.28
C ARG B 238 7.25 -32.35 -2.18
N THR B 239 6.28 -32.34 -1.26
CA THR B 239 5.42 -33.49 -1.02
C THR B 239 3.99 -32.96 -0.94
N PRO B 240 3.06 -33.47 -1.74
CA PRO B 240 1.68 -32.99 -1.63
C PRO B 240 1.06 -33.48 -0.33
N ALA B 241 0.31 -32.60 0.33
CA ALA B 241 -0.37 -32.97 1.57
C ALA B 241 -1.43 -34.03 1.28
N THR B 242 -1.46 -35.07 2.12
CA THR B 242 -2.49 -36.07 2.02
C THR B 242 -3.75 -35.60 2.75
N ALA B 243 -4.89 -36.20 2.41
CA ALA B 243 -6.11 -35.93 3.15
C ALA B 243 -5.88 -36.16 4.63
N ALA B 244 -5.12 -37.19 4.97
CA ALA B 244 -4.75 -37.43 6.36
C ALA B 244 -4.04 -36.23 6.96
N ASP B 245 -3.07 -35.65 6.24
CA ASP B 245 -2.35 -34.50 6.75
C ASP B 245 -3.30 -33.35 7.08
N VAL B 246 -4.09 -32.90 6.10
CA VAL B 246 -4.94 -31.74 6.33
C VAL B 246 -5.93 -32.03 7.46
N ALA B 247 -6.47 -33.25 7.49
CA ALA B 247 -7.34 -33.65 8.58
C ALA B 247 -6.63 -33.53 9.93
N ALA B 248 -5.38 -33.99 9.99
CA ALA B 248 -4.60 -33.85 11.22
C ALA B 248 -4.41 -32.38 11.59
N TRP B 249 -4.30 -31.49 10.60
CA TRP B 249 -4.14 -30.08 10.91
C TRP B 249 -5.36 -29.53 11.63
N GLY B 250 -6.55 -29.83 11.11
CA GLY B 250 -7.78 -29.31 11.71
C GLY B 250 -7.99 -29.82 13.12
N VAL B 251 -7.67 -31.10 13.37
CA VAL B 251 -7.80 -31.66 14.69
C VAL B 251 -6.91 -30.91 15.67
N ARG B 252 -5.64 -30.73 15.31
CA ARG B 252 -4.70 -30.07 16.22
C ARG B 252 -5.07 -28.61 16.43
N MET B 253 -5.48 -27.92 15.36
CA MET B 253 -5.85 -26.50 15.49
C MET B 253 -7.11 -26.35 16.34
N ARG B 254 -8.08 -27.25 16.18
CA ARG B 254 -9.27 -27.19 17.03
C ARG B 254 -8.92 -27.48 18.48
N GLU B 255 -8.01 -28.43 18.73
CA GLU B 255 -7.56 -28.68 20.09
C GLU B 255 -6.93 -27.43 20.70
N GLU B 256 -6.09 -26.75 19.93
CA GLU B 256 -5.47 -25.53 20.45
C GLU B 256 -6.51 -24.44 20.71
N LEU B 257 -7.52 -24.34 19.86
CA LEU B 257 -8.59 -23.38 20.08
C LEU B 257 -9.36 -23.71 21.34
N ASP B 258 -9.74 -24.98 21.51
CA ASP B 258 -10.43 -25.40 22.73
C ASP B 258 -9.62 -25.06 23.97
N GLU B 259 -8.30 -25.29 23.93
CA GLU B 259 -7.49 -25.01 25.10
C GLU B 259 -7.44 -23.51 25.40
N ALA B 260 -7.32 -22.68 24.35
CA ALA B 260 -7.30 -21.23 24.57
C ALA B 260 -8.64 -20.74 25.14
N VAL B 261 -9.75 -21.18 24.54
CA VAL B 261 -11.05 -20.75 25.02
C VAL B 261 -11.20 -21.08 26.50
N ALA B 262 -10.73 -22.26 26.91
CA ALA B 262 -10.91 -22.69 28.29
C ALA B 262 -10.07 -21.87 29.27
N SER B 263 -8.89 -21.40 28.87
CA SER B 263 -7.95 -20.84 29.82
C SER B 263 -7.71 -19.35 29.71
N VAL B 264 -8.07 -18.71 28.59
CA VAL B 264 -7.93 -17.26 28.50
C VAL B 264 -8.99 -16.61 29.38
N PRO B 265 -8.61 -15.84 30.40
CA PRO B 265 -9.59 -15.35 31.37
C PRO B 265 -10.19 -14.02 30.94
N GLY B 266 -11.20 -13.60 31.70
CA GLY B 266 -11.71 -12.25 31.62
C GLY B 266 -12.37 -11.90 30.30
N ALA B 267 -12.37 -10.60 30.00
CA ALA B 267 -13.07 -10.10 28.81
C ALA B 267 -12.47 -10.65 27.52
N GLU B 268 -11.14 -10.75 27.46
CA GLU B 268 -10.49 -11.34 26.30
C GLU B 268 -11.01 -12.74 26.04
N GLY B 269 -11.19 -13.54 27.10
CA GLY B 269 -11.65 -14.89 26.91
C GLY B 269 -13.07 -14.95 26.40
N GLU B 270 -13.92 -14.04 26.86
CA GLU B 270 -15.30 -14.01 26.37
C GLU B 270 -15.34 -13.66 24.90
N ARG B 271 -14.52 -12.70 24.47
CA ARG B 271 -14.49 -12.36 23.05
C ARG B 271 -13.97 -13.53 22.22
N LEU B 272 -12.92 -14.22 22.71
CA LEU B 272 -12.43 -15.38 21.99
C LEU B 272 -13.51 -16.45 21.88
N LYS B 273 -14.32 -16.61 22.94
CA LYS B 273 -15.40 -17.59 22.90
C LYS B 273 -16.43 -17.24 21.82
N ALA B 274 -16.77 -15.95 21.71
CA ALA B 274 -17.67 -15.51 20.65
C ALA B 274 -17.07 -15.79 19.28
N TRP B 275 -15.77 -15.54 19.13
CA TRP B 275 -15.10 -15.78 17.84
C TRP B 275 -14.90 -17.27 17.54
N ALA B 276 -14.85 -18.11 18.57
CA ALA B 276 -14.43 -19.49 18.36
C ALA B 276 -15.21 -20.22 17.28
N PRO B 277 -16.55 -20.11 17.18
CA PRO B 277 -17.25 -20.86 16.12
C PRO B 277 -16.88 -20.38 14.73
N ARG B 278 -16.59 -19.10 14.55
CA ARG B 278 -16.17 -18.62 13.24
C ARG B 278 -14.76 -19.12 12.91
N ILE B 279 -13.89 -19.19 13.91
CA ILE B 279 -12.54 -19.74 13.67
C ILE B 279 -12.65 -21.22 13.31
N ALA B 280 -13.42 -21.99 14.08
CA ALA B 280 -13.60 -23.40 13.77
C ALA B 280 -14.22 -23.57 12.38
N ASP B 281 -15.14 -22.68 11.99
CA ASP B 281 -15.69 -22.74 10.64
C ASP B 281 -14.57 -22.61 9.60
N VAL B 282 -13.61 -21.71 9.83
CA VAL B 282 -12.53 -21.55 8.86
C VAL B 282 -11.64 -22.79 8.84
N TYR B 283 -11.39 -23.39 10.02
CA TYR B 283 -10.57 -24.59 10.06
C TYR B 283 -11.20 -25.70 9.23
N ALA B 284 -12.53 -25.70 9.10
CA ALA B 284 -13.21 -26.71 8.30
C ALA B 284 -12.87 -26.62 6.82
N GLU B 285 -12.29 -25.49 6.37
CA GLU B 285 -11.91 -25.35 4.97
C GLU B 285 -10.71 -26.20 4.61
N LEU B 286 -9.96 -26.69 5.61
CA LEU B 286 -8.72 -27.39 5.34
C LEU B 286 -8.95 -28.72 4.62
N ASP B 287 -10.14 -29.31 4.74
CA ASP B 287 -10.39 -30.60 4.11
C ASP B 287 -10.25 -30.51 2.60
N ALA B 288 -10.58 -29.37 2.01
CA ALA B 288 -10.52 -29.20 0.57
C ALA B 288 -9.12 -28.93 0.04
N LEU B 289 -8.12 -28.86 0.92
CA LEU B 289 -6.76 -28.49 0.53
C LEU B 289 -5.82 -29.67 0.42
N ALA B 290 -6.33 -30.90 0.37
CA ALA B 290 -5.48 -32.04 0.09
C ALA B 290 -4.69 -31.76 -1.19
N GLY B 291 -3.42 -32.17 -1.17
CA GLY B 291 -2.54 -31.96 -2.30
C GLY B 291 -1.76 -30.65 -2.28
N THR B 292 -2.03 -29.77 -1.32
CA THR B 292 -1.27 -28.52 -1.26
C THR B 292 0.21 -28.83 -1.05
N PRO B 293 1.13 -28.09 -1.66
CA PRO B 293 2.55 -28.50 -1.65
C PRO B 293 3.18 -28.27 -0.29
N LEU B 294 3.89 -29.28 0.20
CA LEU B 294 4.66 -29.20 1.43
C LEU B 294 6.14 -29.20 1.09
N ILE B 295 6.90 -28.34 1.77
CA ILE B 295 8.34 -28.23 1.57
C ILE B 295 9.03 -28.13 2.92
N ASP B 296 10.35 -28.22 2.88
CA ASP B 296 11.16 -27.84 4.03
C ASP B 296 10.94 -26.36 4.29
N VAL B 297 10.52 -26.03 5.51
CA VAL B 297 10.24 -24.64 5.87
C VAL B 297 11.12 -24.25 7.05
N HIS B 298 11.09 -22.94 7.37
CA HIS B 298 11.71 -22.46 8.60
C HIS B 298 11.00 -23.06 9.80
N GLY B 299 9.67 -22.94 9.84
CA GLY B 299 8.85 -23.62 10.81
C GLY B 299 8.52 -22.83 12.06
N ASP B 300 9.29 -21.79 12.36
CA ASP B 300 9.06 -20.98 13.56
C ASP B 300 9.34 -19.52 13.23
N PHE B 301 8.73 -19.04 12.14
CA PHE B 301 9.15 -17.82 11.48
C PHE B 301 8.43 -16.60 12.04
N HIS B 302 9.21 -15.60 12.44
CA HIS B 302 8.66 -14.32 12.90
C HIS B 302 9.79 -13.31 12.91
N VAL B 303 9.46 -12.05 13.21
CA VAL B 303 10.47 -11.01 13.12
C VAL B 303 11.61 -11.26 14.10
N GLY B 304 11.34 -11.97 15.19
CA GLY B 304 12.39 -12.29 16.13
C GLY B 304 13.45 -13.23 15.58
N GLN B 305 13.18 -13.85 14.44
CA GLN B 305 14.15 -14.71 13.78
C GLN B 305 14.97 -13.98 12.72
N ILE B 306 14.78 -12.66 12.58
CA ILE B 306 15.48 -11.87 11.58
C ILE B 306 16.44 -10.93 12.31
N LEU B 307 17.73 -11.10 12.04
CA LEU B 307 18.74 -10.18 12.56
C LEU B 307 18.94 -9.05 11.55
N ARG B 308 19.17 -7.85 12.07
CA ARG B 308 19.57 -6.71 11.24
C ARG B 308 20.92 -6.21 11.73
N ALA B 309 21.92 -6.26 10.86
CA ALA B 309 23.25 -5.74 11.13
C ALA B 309 23.65 -4.86 9.96
N ASP B 310 23.86 -3.58 10.22
CA ASP B 310 24.31 -2.64 9.19
C ASP B 310 23.39 -2.68 7.97
N GLY B 311 22.09 -2.61 8.23
CA GLY B 311 21.12 -2.63 7.16
C GLY B 311 21.01 -3.93 6.39
N ARG B 312 21.70 -4.98 6.82
CA ARG B 312 21.64 -6.28 6.19
C ARG B 312 20.86 -7.23 7.09
N TYR B 313 20.14 -8.17 6.46
CA TYR B 313 19.22 -9.04 7.17
C TYR B 313 19.70 -10.48 7.11
N ALA B 314 19.56 -11.18 8.23
CA ALA B 314 19.97 -12.57 8.33
C ALA B 314 18.93 -13.35 9.10
N VAL B 315 18.63 -14.58 8.62
CA VAL B 315 17.65 -15.43 9.26
C VAL B 315 18.36 -16.41 10.18
N VAL B 316 17.76 -16.67 11.35
CA VAL B 316 18.34 -17.59 12.33
C VAL B 316 17.25 -18.52 12.86
N ASP B 317 17.68 -19.53 13.61
CA ASP B 317 16.81 -20.36 14.44
C ASP B 317 15.98 -21.33 13.63
N PHE B 318 16.64 -22.34 13.05
CA PHE B 318 15.99 -23.29 12.17
C PHE B 318 15.61 -24.61 12.85
N ASP B 319 15.60 -24.63 14.18
CA ASP B 319 15.31 -25.89 14.89
C ASP B 319 13.86 -26.30 14.80
N GLY B 320 12.99 -25.52 14.16
CA GLY B 320 11.60 -25.90 14.00
C GLY B 320 10.70 -25.40 15.09
N ASN B 321 9.41 -25.62 14.88
CA ASN B 321 8.38 -25.13 15.79
C ASN B 321 8.52 -25.78 17.16
N PRO B 322 8.81 -25.03 18.21
CA PRO B 322 9.08 -25.67 19.52
C PRO B 322 7.86 -26.29 20.18
N VAL B 323 6.64 -25.93 19.77
CA VAL B 323 5.47 -26.55 20.38
C VAL B 323 5.20 -27.95 19.81
N LEU B 324 5.73 -28.26 18.63
CA LEU B 324 5.59 -29.59 18.08
C LEU B 324 6.45 -30.58 18.86
N PRO B 325 6.08 -31.86 18.86
CA PRO B 325 6.97 -32.87 19.44
C PRO B 325 8.33 -32.85 18.75
N ALA B 326 9.35 -33.27 19.49
CA ALA B 326 10.72 -33.24 18.97
C ALA B 326 10.87 -34.05 17.70
N ASP B 327 10.04 -35.08 17.52
CA ASP B 327 10.14 -35.96 16.36
C ASP B 327 9.31 -35.48 15.17
N GLN B 328 8.65 -34.33 15.27
CA GLN B 328 7.84 -33.80 14.19
C GLN B 328 8.29 -32.41 13.73
N ARG B 329 9.48 -31.98 14.13
CA ARG B 329 10.00 -30.66 13.78
C ARG B 329 10.69 -30.64 12.42
N ALA B 330 11.03 -31.80 11.86
CA ALA B 330 11.65 -31.86 10.54
C ALA B 330 10.64 -32.09 9.42
N ALA B 331 9.39 -32.38 9.76
CA ALA B 331 8.37 -32.65 8.74
C ALA B 331 8.19 -31.44 7.82
N ARG B 332 7.89 -31.73 6.56
CA ARG B 332 7.60 -30.66 5.60
C ARG B 332 6.25 -30.03 5.92
N GLN B 333 6.14 -28.75 5.64
CA GLN B 333 4.98 -27.95 5.99
C GLN B 333 4.66 -27.04 4.80
N PRO B 334 3.50 -26.40 4.78
CA PRO B 334 3.22 -25.43 3.71
C PRO B 334 4.13 -24.22 3.86
N ALA B 335 4.62 -23.72 2.72
CA ALA B 335 5.35 -22.47 2.76
C ALA B 335 4.53 -21.37 3.40
N ALA B 336 3.20 -21.42 3.21
CA ALA B 336 2.32 -20.43 3.81
C ALA B 336 2.44 -20.36 5.32
N LEU B 337 2.89 -21.43 5.98
CA LEU B 337 3.07 -21.38 7.44
C LEU B 337 4.08 -20.32 7.83
N ASP B 338 5.21 -20.27 7.12
CA ASP B 338 6.18 -19.22 7.38
C ASP B 338 5.59 -17.86 7.04
N VAL B 339 4.83 -17.79 5.94
CA VAL B 339 4.29 -16.50 5.50
C VAL B 339 3.37 -15.91 6.56
N VAL B 340 2.47 -16.71 7.11
CA VAL B 340 1.55 -16.17 8.11
C VAL B 340 2.28 -15.92 9.42
N GLY B 341 3.30 -16.73 9.74
CA GLY B 341 4.11 -16.47 10.90
C GLY B 341 4.71 -15.07 10.90
N MET B 342 5.16 -14.62 9.73
CA MET B 342 5.78 -13.31 9.63
C MET B 342 4.75 -12.18 9.56
N THR B 343 3.69 -12.37 8.77
CA THR B 343 2.66 -11.33 8.70
C THR B 343 2.01 -11.13 10.05
N ALA B 344 1.70 -12.22 10.76
CA ALA B 344 1.19 -12.09 12.12
C ALA B 344 2.20 -11.35 13.00
N SER B 345 3.48 -11.69 12.90
CA SER B 345 4.49 -11.05 13.75
CA SER B 345 4.47 -11.05 13.77
C SER B 345 4.56 -9.55 13.49
N LEU B 346 4.42 -9.15 12.21
CA LEU B 346 4.42 -7.73 11.89
C LEU B 346 3.22 -7.02 12.51
N ASP B 347 2.05 -7.65 12.48
CA ASP B 347 0.91 -7.10 13.20
C ASP B 347 1.26 -6.94 14.67
N HIS B 348 1.85 -7.98 15.27
CA HIS B 348 2.14 -7.98 16.69
C HIS B 348 3.17 -6.91 17.06
N VAL B 349 4.12 -6.63 16.16
CA VAL B 349 5.05 -5.53 16.38
C VAL B 349 4.31 -4.24 16.65
N GLY B 350 3.31 -3.95 15.81
CA GLY B 350 2.54 -2.73 15.98
C GLY B 350 1.75 -2.70 17.28
N ARG B 351 1.15 -3.83 17.67
CA ARG B 351 0.45 -3.91 18.94
C ARG B 351 1.38 -3.60 20.11
N VAL B 352 2.60 -4.14 20.06
CA VAL B 352 3.57 -3.90 21.11
C VAL B 352 3.95 -2.43 21.20
N VAL B 353 4.17 -1.80 20.05
CA VAL B 353 4.49 -0.39 20.05
C VAL B 353 3.39 0.41 20.73
N VAL B 354 2.13 0.12 20.42
CA VAL B 354 1.05 0.88 21.01
C VAL B 354 0.96 0.59 22.50
N PHE B 355 1.17 -0.67 22.90
CA PHE B 355 1.01 -1.07 24.29
C PHE B 355 2.11 -0.51 25.18
N ARG B 356 3.35 -0.49 24.69
CA ARG B 356 4.50 -0.20 25.52
C ARG B 356 4.94 1.26 25.50
N THR B 357 4.44 2.07 24.58
CA THR B 357 5.04 3.38 24.33
C THR B 357 4.23 4.47 24.98
N PRO B 358 4.74 5.18 25.98
CA PRO B 358 3.94 6.25 26.61
C PRO B 358 3.61 7.32 25.60
N ASP B 359 2.38 7.84 25.68
CA ASP B 359 1.91 8.96 24.87
C ASP B 359 1.98 8.68 23.37
N VAL B 360 2.00 7.41 22.97
CA VAL B 360 2.14 7.10 21.56
C VAL B 360 0.88 7.53 20.82
N ASP B 361 1.05 7.89 19.54
CA ASP B 361 -0.08 8.12 18.64
C ASP B 361 -0.32 6.83 17.86
N PRO B 362 -1.40 6.08 18.12
CA PRO B 362 -1.57 4.78 17.45
C PRO B 362 -1.97 4.87 15.99
N ALA B 363 -2.41 6.03 15.51
CA ALA B 363 -2.88 6.11 14.12
C ALA B 363 -1.81 5.73 13.11
N PRO B 364 -0.62 6.33 13.12
CA PRO B 364 0.42 5.87 12.17
C PRO B 364 0.82 4.42 12.39
N VAL B 365 0.79 3.92 13.63
CA VAL B 365 1.19 2.54 13.88
C VAL B 365 0.18 1.57 13.28
N ARG B 366 -1.12 1.86 13.43
CA ARG B 366 -2.11 0.96 12.88
C ARG B 366 -2.14 1.02 11.36
N ALA B 367 -1.89 2.20 10.78
CA ALA B 367 -1.72 2.26 9.33
C ALA B 367 -0.52 1.42 8.89
N TRP B 368 0.54 1.41 9.69
CA TRP B 368 1.73 0.63 9.38
C TRP B 368 1.44 -0.87 9.43
N ILE B 369 0.68 -1.32 10.43
CA ILE B 369 0.35 -2.75 10.54
C ILE B 369 -0.27 -3.26 9.25
N ALA B 370 -1.27 -2.53 8.73
CA ALA B 370 -1.92 -2.97 7.50
C ALA B 370 -0.95 -2.90 6.33
N ALA B 371 -0.23 -1.77 6.19
CA ALA B 371 0.67 -1.57 5.07
C ALA B 371 1.84 -2.55 5.09
N ALA B 372 2.41 -2.79 6.26
CA ALA B 372 3.57 -3.68 6.35
C ALA B 372 3.21 -5.09 5.90
N GLN B 373 2.02 -5.56 6.22
CA GLN B 373 1.61 -6.89 5.79
C GLN B 373 1.44 -6.95 4.28
N ARG B 374 0.84 -5.92 3.68
CA ARG B 374 0.73 -5.86 2.23
C ARG B 374 2.10 -5.73 1.57
N SER B 375 2.99 -4.90 2.14
CA SER B 375 4.31 -4.75 1.57
C SER B 375 5.06 -6.07 1.60
N PHE B 376 4.89 -6.84 2.68
CA PHE B 376 5.56 -8.13 2.79
C PHE B 376 5.00 -9.13 1.79
N LEU B 377 3.68 -9.26 1.74
CA LEU B 377 3.07 -10.22 0.82
C LEU B 377 3.33 -9.84 -0.62
N ASP B 378 3.22 -8.55 -0.94
CA ASP B 378 3.45 -8.12 -2.32
C ASP B 378 4.88 -8.44 -2.76
N ALA B 379 5.85 -8.12 -1.91
CA ALA B 379 7.24 -8.42 -2.26
C ALA B 379 7.49 -9.93 -2.30
N TYR B 380 6.86 -10.68 -1.40
CA TYR B 380 7.03 -12.12 -1.37
C TYR B 380 6.52 -12.77 -2.65
N ARG B 381 5.31 -12.40 -3.07
CA ARG B 381 4.72 -13.01 -4.27
C ARG B 381 5.48 -12.59 -5.53
N THR B 382 5.95 -11.35 -5.58
CA THR B 382 6.69 -10.88 -6.73
C THR B 382 8.00 -11.65 -6.88
N THR B 383 8.75 -11.79 -5.79
CA THR B 383 10.02 -12.50 -5.85
C THR B 383 9.80 -13.96 -6.22
N LEU B 384 8.80 -14.62 -5.61
CA LEU B 384 8.48 -15.99 -6.01
C LEU B 384 8.22 -16.08 -7.50
N ALA B 385 7.47 -15.11 -8.06
CA ALA B 385 7.19 -15.11 -9.49
C ALA B 385 8.48 -14.98 -10.29
N ARG B 386 9.38 -14.09 -9.86
CA ARG B 386 10.64 -13.90 -10.58
C ARG B 386 11.52 -15.14 -10.50
N LEU B 387 11.40 -15.92 -9.43
CA LEU B 387 12.15 -17.16 -9.27
C LEU B 387 11.40 -18.38 -9.83
N ASP B 388 10.26 -18.15 -10.48
CA ASP B 388 9.46 -19.24 -11.06
C ASP B 388 9.04 -20.24 -9.99
N ALA B 389 8.70 -19.74 -8.81
CA ALA B 389 8.33 -20.60 -7.69
C ALA B 389 6.98 -20.19 -7.11
N ASP B 390 6.10 -19.62 -7.94
CA ASP B 390 4.80 -19.18 -7.47
C ASP B 390 4.03 -20.32 -6.81
N ASP B 391 4.19 -21.54 -7.34
CA ASP B 391 3.37 -22.65 -6.89
C ASP B 391 3.73 -23.15 -5.50
N LEU B 392 4.77 -22.61 -4.87
CA LEU B 392 5.09 -23.00 -3.51
C LEU B 392 4.08 -22.43 -2.51
N PHE B 393 3.49 -21.28 -2.84
CA PHE B 393 2.66 -20.53 -1.91
C PHE B 393 1.19 -20.73 -2.25
N ASP B 394 0.45 -21.36 -1.33
CA ASP B 394 -0.97 -21.66 -1.51
C ASP B 394 -1.74 -20.69 -0.61
N ASP B 395 -2.20 -19.57 -1.18
CA ASP B 395 -2.81 -18.52 -0.39
C ASP B 395 -4.17 -18.92 0.17
N ARG B 396 -4.74 -20.05 -0.25
CA ARG B 396 -5.92 -20.57 0.41
C ARG B 396 -5.65 -20.88 1.88
N LEU B 397 -4.38 -21.08 2.25
CA LEU B 397 -4.03 -21.36 3.63
C LEU B 397 -3.89 -20.12 4.49
N LEU B 398 -3.95 -18.92 3.91
CA LEU B 398 -3.64 -17.72 4.67
C LEU B 398 -4.57 -17.56 5.89
N THR B 399 -5.89 -17.59 5.66
CA THR B 399 -6.79 -17.33 6.78
C THR B 399 -6.77 -18.46 7.80
N PRO B 400 -6.92 -19.74 7.41
CA PRO B 400 -6.83 -20.81 8.42
C PRO B 400 -5.57 -20.74 9.25
N LEU B 401 -4.41 -20.63 8.60
CA LEU B 401 -3.14 -20.66 9.33
C LEU B 401 -2.92 -19.37 10.12
N ARG B 402 -3.42 -18.23 9.62
CA ARG B 402 -3.27 -16.99 10.38
C ARG B 402 -4.10 -17.04 11.66
N TYR B 403 -5.32 -17.57 11.58
CA TYR B 403 -6.11 -17.76 12.79
C TYR B 403 -5.37 -18.63 13.78
N ALA B 404 -4.81 -19.75 13.30
CA ALA B 404 -4.10 -20.66 14.18
C ALA B 404 -2.91 -19.97 14.83
N GLN B 405 -2.25 -19.09 14.09
CA GLN B 405 -1.12 -18.32 14.64
C GLN B 405 -1.58 -17.40 15.78
N GLU B 406 -2.74 -16.76 15.63
CA GLU B 406 -3.21 -15.91 16.72
C GLU B 406 -3.62 -16.75 17.93
N VAL B 407 -4.29 -17.89 17.70
CA VAL B 407 -4.62 -18.78 18.82
C VAL B 407 -3.34 -19.22 19.53
N ARG B 408 -2.27 -19.45 18.77
CA ARG B 408 -0.98 -19.79 19.34
C ARG B 408 -0.50 -18.70 20.31
N GLU B 409 -0.75 -17.45 19.98
CA GLU B 409 -0.38 -16.35 20.88
C GLU B 409 -1.18 -16.39 22.19
N TYR B 410 -2.46 -16.78 22.14
CA TYR B 410 -3.18 -16.95 23.40
C TYR B 410 -2.53 -18.04 24.25
N LEU B 411 -2.17 -19.17 23.63
CA LEU B 411 -1.55 -20.26 24.37
C LEU B 411 -0.21 -19.83 24.95
N TYR B 412 0.59 -19.13 24.16
CA TYR B 412 1.85 -18.59 24.69
C TYR B 412 1.58 -17.74 25.93
N ALA B 413 0.58 -16.85 25.84
CA ALA B 413 0.28 -15.97 26.96
C ALA B 413 -0.10 -16.76 28.20
N VAL B 414 -1.06 -17.70 28.08
CA VAL B 414 -1.54 -18.37 29.27
CA VAL B 414 -1.55 -18.39 29.26
C VAL B 414 -0.45 -19.26 29.86
N ARG B 415 0.43 -19.81 29.02
CA ARG B 415 1.46 -20.72 29.49
C ARG B 415 2.72 -20.01 29.97
N HIS B 416 3.02 -18.82 29.44
CA HIS B 416 4.32 -18.21 29.68
C HIS B 416 4.29 -16.73 30.04
N LEU B 417 3.26 -16.00 29.61
CA LEU B 417 3.27 -14.54 29.77
C LEU B 417 1.83 -14.02 29.75
N PRO B 418 1.13 -14.08 30.87
CA PRO B 418 -0.34 -13.87 30.84
C PRO B 418 -0.82 -12.58 30.17
N HIS B 419 -0.18 -11.44 30.40
CA HIS B 419 -0.75 -10.21 29.85
C HIS B 419 -0.72 -10.17 28.32
N TRP B 420 0.01 -11.08 27.66
CA TRP B 420 0.20 -11.05 26.22
C TRP B 420 -1.07 -11.34 25.43
N VAL B 421 -2.15 -11.73 26.10
CA VAL B 421 -3.42 -11.95 25.40
C VAL B 421 -3.92 -10.73 24.68
N TYR B 422 -3.46 -9.52 25.05
CA TYR B 422 -3.90 -8.33 24.34
C TYR B 422 -3.51 -8.36 22.87
N VAL B 423 -2.41 -9.06 22.54
CA VAL B 423 -1.88 -9.06 21.18
C VAL B 423 -2.82 -9.81 20.25
N PRO B 424 -3.12 -11.10 20.49
CA PRO B 424 -4.09 -11.78 19.60
C PRO B 424 -5.49 -11.19 19.68
N ASP B 425 -5.87 -10.64 20.85
CA ASP B 425 -7.18 -9.97 20.95
C ASP B 425 -7.30 -8.84 19.95
N LEU B 426 -6.30 -7.96 19.90
CA LEU B 426 -6.36 -6.83 18.98
C LEU B 426 -6.17 -7.28 17.53
N SER B 427 -5.34 -8.30 17.28
CA SER B 427 -5.13 -8.76 15.92
CA SER B 427 -5.13 -8.75 15.92
C SER B 427 -6.41 -9.35 15.35
N LEU B 428 -7.04 -10.27 16.10
CA LEU B 428 -8.28 -10.88 15.63
C LEU B 428 -9.40 -9.84 15.52
N THR B 429 -9.45 -8.89 16.47
CA THR B 429 -10.45 -7.83 16.37
C THR B 429 -10.38 -7.17 15.00
N ASP B 430 -9.16 -6.95 14.48
CA ASP B 430 -9.00 -6.28 13.19
C ASP B 430 -9.32 -7.21 12.03
N LEU B 431 -8.81 -8.43 12.05
CA LEU B 431 -8.93 -9.25 10.84
C LEU B 431 -10.17 -10.14 10.80
N LEU B 432 -10.67 -10.62 11.95
CA LEU B 432 -11.73 -11.63 11.88
C LEU B 432 -13.03 -11.05 11.33
N PRO B 433 -13.51 -9.90 11.78
CA PRO B 433 -14.77 -9.38 11.19
C PRO B 433 -14.64 -9.13 9.69
N GLU B 434 -13.47 -8.66 9.27
CA GLU B 434 -13.19 -8.48 7.84
C GLU B 434 -13.18 -9.79 7.08
N ARG B 435 -12.44 -10.79 7.57
CA ARG B 435 -12.40 -12.08 6.87
C ARG B 435 -13.80 -12.68 6.81
N LEU B 436 -14.58 -12.58 7.89
CA LEU B 436 -15.91 -13.15 7.89
C LEU B 436 -16.78 -12.52 6.81
N LYS B 437 -16.74 -11.17 6.70
CA LYS B 437 -17.56 -10.51 5.69
C LYS B 437 -17.23 -11.00 4.28
N ASP B 438 -15.96 -11.32 4.02
CA ASP B 438 -15.60 -11.88 2.73
C ASP B 438 -16.12 -13.30 2.58
N LYS B 439 -15.89 -14.14 3.60
CA LYS B 439 -16.43 -15.50 3.58
C LYS B 439 -17.92 -15.48 3.29
N LEU B 440 -18.65 -14.56 3.91
CA LEU B 440 -20.08 -14.40 3.66
C LEU B 440 -20.36 -13.68 2.36
N ALA B 441 -19.38 -13.54 1.48
CA ALA B 441 -19.56 -12.84 0.21
C ALA B 441 -20.04 -11.41 0.45
MG MG C . -11.48 24.07 -11.87
MG MG D . -14.45 40.06 -40.52
MG MG E . -21.50 39.71 -44.32
MG MG F . -10.44 22.40 -16.78
MG MG G . -4.08 38.54 -40.90
C1 BTB H . -4.40 26.35 -10.34
O1 BTB H . -3.44 27.31 -10.83
C2 BTB H . -3.82 25.40 -9.29
C3 BTB H . -4.04 23.98 -9.80
O3 BTB H . -3.39 23.05 -8.92
C4 BTB H . -4.51 25.49 -7.94
O4 BTB H . -5.73 26.25 -7.99
N BTB H . -2.35 25.61 -9.12
C5 BTB H . -1.55 25.33 -10.33
C6 BTB H . -0.91 23.93 -10.23
O6 BTB H . -0.55 23.65 -8.88
C7 BTB H . -2.03 26.95 -8.58
C8 BTB H . -1.33 26.83 -7.23
O8 BTB H . -1.62 25.56 -6.63
H11 BTB H . -4.76 25.77 -11.19
H12 BTB H . -5.24 26.88 -9.90
HO1 BTB H . -3.84 27.85 -11.52
H31 BTB H . -3.64 23.87 -10.80
H32 BTB H . -5.11 23.77 -9.83
HO3 BTB H . -3.54 22.15 -9.24
H41 BTB H . -3.84 25.95 -7.22
H42 BTB H . -4.74 24.48 -7.59
HO4 BTB H . -6.09 26.34 -7.10
H51 BTB H . -0.76 26.08 -10.43
H52 BTB H . -2.18 25.37 -11.21
H61 BTB H . -0.03 23.89 -10.87
H62 BTB H . -1.62 23.18 -10.59
HO6 BTB H . -0.20 22.75 -8.81
H71 BTB H . -2.95 27.53 -8.46
H72 BTB H . -1.38 27.48 -9.28
H81 BTB H . -1.66 27.63 -6.57
H82 BTB H . -0.24 26.92 -7.36
HO8 BTB H . -1.17 25.51 -5.77
C1 BTB I . 2.37 10.07 -22.97
O1 BTB I . 1.52 10.42 -24.06
C2 BTB I . 2.05 8.69 -22.44
C3 BTB I . 3.26 8.17 -21.68
O3 BTB I . 3.13 8.47 -20.29
C4 BTB I . 1.72 7.80 -23.64
O4 BTB I . 1.69 6.41 -23.32
N BTB I . 0.90 8.76 -21.48
C5 BTB I . -0.26 9.53 -21.97
C6 BTB I . -0.24 10.94 -21.39
O6 BTB I . 0.46 10.95 -20.15
C7 BTB I . 0.42 7.42 -21.09
C8 BTB I . -0.12 7.45 -19.66
O8 BTB I . 0.77 8.17 -18.80
H11 BTB I . 2.24 10.81 -22.16
H12 BTB I . 3.41 10.11 -23.29
HO1 BTB I . 1.79 11.29 -24.41
H31 BTB I . 4.16 8.65 -22.07
H32 BTB I . 3.36 7.10 -21.83
HO3 BTB I . 3.95 8.22 -19.83
H41 BTB I . 2.47 7.97 -24.42
H42 BTB I . 0.75 8.09 -24.05
HO4 BTB I . 1.65 5.89 -24.14
H51 BTB I . -1.18 9.02 -21.66
H52 BTB I . -0.24 9.57 -23.06
H61 BTB I . -1.27 11.29 -21.24
H62 BTB I . 0.24 11.62 -22.10
HO6 BTB I . 0.51 11.86 -19.82
H71 BTB I . 1.24 6.70 -21.17
H72 BTB I . -0.37 7.10 -21.78
H81 BTB I . -0.24 6.42 -19.30
H82 BTB I . -1.11 7.92 -19.65
HO8 BTB I . 0.47 8.07 -17.88
C1 PEG J . -17.97 24.87 -11.97
O1 PEG J . -18.46 23.93 -12.93
C2 PEG J . -18.86 26.11 -11.96
O2 PEG J . -20.03 25.86 -11.20
C3 PEG J . -20.85 27.03 -11.09
C4 PEG J . -22.09 26.72 -10.26
O4 PEG J . -22.61 25.44 -10.64
H11 PEG J . -16.95 25.14 -12.21
H12 PEG J . -17.97 24.42 -10.98
HO1 PEG J . -17.85 23.17 -12.98
H21 PEG J . -19.13 26.37 -12.99
H22 PEG J . -18.31 26.95 -11.54
H31 PEG J . -21.14 27.37 -12.10
H32 PEG J . -20.28 27.83 -10.63
H41 PEG J . -22.85 27.49 -10.44
H42 PEG J . -21.83 26.73 -9.21
HO4 PEG J . -23.57 25.50 -10.76
C1 PEG K . -33.61 6.00 -17.95
O1 PEG K . -33.80 5.47 -19.26
C2 PEG K . -32.93 7.37 -18.02
O2 PEG K . -33.77 8.27 -18.76
C3 PEG K . -33.49 9.64 -18.44
C4 PEG K . -34.48 10.54 -19.15
O4 PEG K . -34.57 11.79 -18.45
H11 PEG K . -32.98 5.32 -17.36
H12 PEG K . -34.58 6.09 -17.43
HO1 PEG K . -34.29 4.64 -19.20
H21 PEG K . -31.97 7.27 -18.52
H22 PEG K . -32.76 7.76 -17.02
H31 PEG K . -32.47 9.88 -18.74
H32 PEG K . -33.56 9.78 -17.35
H41 PEG K . -35.46 10.06 -19.19
H42 PEG K . -34.16 10.71 -20.18
HO4 PEG K . -35.20 12.36 -18.92
C1 PEG L . -3.59 20.09 18.52
O1 PEG L . -2.55 21.06 18.32
C2 PEG L . -4.92 20.65 18.03
O2 PEG L . -5.27 21.82 18.77
C3 PEG L . -6.40 22.48 18.22
C4 PEG L . -6.51 23.89 18.82
O4 PEG L . -7.32 24.72 17.98
H11 PEG L . -3.66 19.84 19.59
H12 PEG L . -3.35 19.17 17.98
HO1 PEG L . -1.70 20.68 18.61
H21 PEG L . -5.70 19.89 18.15
H22 PEG L . -4.85 20.89 16.96
H31 PEG L . -7.30 21.92 18.42
H32 PEG L . -6.29 22.56 17.13
H41 PEG L . -5.52 24.32 18.93
H42 PEG L . -6.96 23.82 19.82
HO4 PEG L . -7.37 25.61 18.34
CL CL M . -0.27 33.18 -0.96
CL CL N . 3.38 26.14 7.48
MG MG O . 14.54 -17.42 17.81
MG MG P . 14.32 -22.54 18.08
CL CL Q . 4.16 -6.67 25.84
CL CL R . -3.26 -1.55 18.56
#